data_3OEC
#
_entry.id   3OEC
#
_cell.length_a   67.860
_cell.length_b   120.570
_cell.length_c   134.560
_cell.angle_alpha   90.00
_cell.angle_beta   94.05
_cell.angle_gamma   90.00
#
_symmetry.space_group_name_H-M   'C 1 2 1'
#
loop_
_entity.id
_entity.type
_entity.pdbx_description
1 polymer 'Carveol dehydrogenase (MythA.01326.c, A0R518 homolog)'
2 non-polymer 'SODIUM ION'
3 water water
#
_entity_poly.entity_id   1
_entity_poly.type   'polypeptide(L)'
_entity_poly.pdbx_seq_one_letter_code
;MAHHHHHHMGTLEAQTQGPGSMVDPVRRSTRVSARGQGARMNRLQGKVAFITGAARGQGRTHAVRLAQDGADIVAIDLCR
QQPNLDYAQGSPEELKETVRLVEEQGRRIIARQADVRDLASLQAVVDEALAEFGHIDILVSNVGISNQGEVVSLTDQQWS
DILQTNLIGAWHACRAVLPSMIERGQGGSVIFVSSTVGLRGAPGQSHYAASKHGVQGLMLSLANEVGRHNIRVNSVNPGA
VNTEMALNEKLLKMFLPHLENPTREDAAELFSQLTLLPIPWVEPEDVSNAVAWLASDEARYIHGAAIPVDGGQLARA
;
_entity_poly.pdbx_strand_id   A,B,C,D
#
loop_
_chem_comp.id
_chem_comp.type
_chem_comp.name
_chem_comp.formula
NA non-polymer 'SODIUM ION' 'Na 1'
#
# COMPACT_ATOMS: atom_id res chain seq x y z
N ASN A 42 -34.10 -7.49 -3.08
CA ASN A 42 -34.01 -8.16 -4.39
C ASN A 42 -32.92 -7.58 -5.27
N ARG A 43 -31.80 -7.18 -4.69
CA ARG A 43 -30.66 -6.67 -5.47
C ARG A 43 -29.91 -7.75 -6.27
N LEU A 44 -30.02 -9.00 -5.84
CA LEU A 44 -29.37 -10.09 -6.54
C LEU A 44 -30.37 -11.03 -7.26
N GLN A 45 -31.62 -10.59 -7.49
CA GLN A 45 -32.62 -11.53 -8.03
C GLN A 45 -32.12 -12.11 -9.33
N GLY A 46 -32.35 -13.40 -9.48
CA GLY A 46 -31.93 -14.10 -10.70
C GLY A 46 -30.47 -14.57 -10.68
N LYS A 47 -29.65 -14.08 -9.76
CA LYS A 47 -28.23 -14.49 -9.74
C LYS A 47 -28.05 -15.85 -9.11
N VAL A 48 -26.99 -16.57 -9.52
CA VAL A 48 -26.53 -17.80 -8.84
C VAL A 48 -25.18 -17.56 -8.14
N ALA A 49 -25.10 -17.78 -6.83
CA ALA A 49 -23.88 -17.61 -6.06
C ALA A 49 -23.30 -18.98 -5.72
N PHE A 50 -22.02 -19.21 -6.07
CA PHE A 50 -21.28 -20.40 -5.67
C PHE A 50 -20.43 -20.04 -4.44
N ILE A 51 -20.66 -20.73 -3.32
CA ILE A 51 -20.03 -20.40 -2.03
C ILE A 51 -19.23 -21.60 -1.45
N THR A 52 -17.93 -21.41 -1.22
CA THR A 52 -17.15 -22.42 -0.53
C THR A 52 -17.24 -22.28 1.01
N GLY A 53 -16.92 -23.38 1.70
CA GLY A 53 -16.97 -23.46 3.14
C GLY A 53 -18.30 -23.03 3.73
N ALA A 54 -19.42 -23.51 3.16
CA ALA A 54 -20.78 -23.01 3.44
C ALA A 54 -21.53 -23.69 4.58
N ALA A 55 -20.93 -24.72 5.20
CA ALA A 55 -21.55 -25.47 6.30
C ALA A 55 -21.88 -24.60 7.51
N ARG A 56 -20.93 -23.80 8.01
CA ARG A 56 -21.20 -22.93 9.19
C ARG A 56 -20.31 -21.71 9.17
N GLY A 57 -20.31 -20.93 10.24
CA GLY A 57 -19.38 -19.79 10.30
C GLY A 57 -19.64 -18.81 9.17
N GLN A 58 -18.56 -18.24 8.62
CA GLN A 58 -18.69 -17.16 7.60
CA GLN A 58 -18.64 -17.19 7.61
C GLN A 58 -19.38 -17.66 6.35
N GLY A 59 -19.17 -18.93 6.00
CA GLY A 59 -19.76 -19.51 4.79
C GLY A 59 -21.28 -19.50 4.85
N ARG A 60 -21.82 -19.99 5.96
CA ARG A 60 -23.27 -19.99 6.17
C ARG A 60 -23.86 -18.60 6.05
N THR A 61 -23.29 -17.63 6.76
CA THR A 61 -23.80 -16.25 6.73
C THR A 61 -23.80 -15.69 5.28
N HIS A 62 -22.80 -16.08 4.47
CA HIS A 62 -22.73 -15.61 3.05
C HIS A 62 -23.92 -16.17 2.29
N ALA A 63 -24.13 -17.49 2.41
CA ALA A 63 -25.30 -18.16 1.82
C ALA A 63 -26.61 -17.49 2.18
N VAL A 64 -26.83 -17.30 3.47
CA VAL A 64 -28.10 -16.78 4.00
C VAL A 64 -28.31 -15.36 3.49
N ARG A 65 -27.24 -14.55 3.54
CA ARG A 65 -27.32 -13.12 3.20
C ARG A 65 -27.49 -12.87 1.72
N LEU A 66 -26.82 -13.67 0.90
CA LEU A 66 -26.99 -13.56 -0.55
C LEU A 66 -28.40 -14.10 -0.95
N ALA A 67 -28.82 -15.17 -0.29
CA ALA A 67 -30.19 -15.67 -0.43
C ALA A 67 -31.22 -14.58 -0.12
N GLN A 68 -31.06 -13.90 1.00
CA GLN A 68 -31.98 -12.81 1.38
C GLN A 68 -32.11 -11.79 0.25
N ASP A 69 -31.03 -11.56 -0.48
CA ASP A 69 -31.01 -10.61 -1.60
C ASP A 69 -31.49 -11.20 -2.91
N GLY A 70 -31.91 -12.46 -2.89
CA GLY A 70 -32.62 -13.04 -4.03
C GLY A 70 -31.79 -13.99 -4.86
N ALA A 71 -30.54 -14.24 -4.44
CA ALA A 71 -29.72 -15.17 -5.18
C ALA A 71 -30.04 -16.61 -4.77
N ASP A 72 -30.13 -17.49 -5.77
CA ASP A 72 -30.04 -18.95 -5.53
C ASP A 72 -28.60 -19.37 -5.26
N ILE A 73 -28.43 -20.49 -4.53
CA ILE A 73 -27.14 -20.83 -3.92
C ILE A 73 -26.59 -22.19 -4.33
N VAL A 74 -25.33 -22.23 -4.76
CA VAL A 74 -24.54 -23.47 -4.77
C VAL A 74 -23.54 -23.46 -3.59
N ALA A 75 -23.70 -24.40 -2.67
CA ALA A 75 -22.99 -24.40 -1.39
C ALA A 75 -22.13 -25.67 -1.30
N ILE A 76 -20.84 -25.54 -1.01
CA ILE A 76 -20.02 -26.73 -0.81
C ILE A 76 -19.29 -26.59 0.51
N ASP A 77 -19.04 -27.71 1.18
CA ASP A 77 -18.17 -27.75 2.34
C ASP A 77 -17.58 -29.16 2.34
N LEU A 78 -16.35 -29.29 2.83
CA LEU A 78 -15.71 -30.60 3.00
C LEU A 78 -16.51 -31.47 3.97
N CYS A 79 -17.10 -30.85 4.99
CA CYS A 79 -17.91 -31.56 5.98
C CYS A 79 -17.14 -32.64 6.73
N ARG A 80 -15.85 -32.40 6.99
CA ARG A 80 -14.99 -33.34 7.72
C ARG A 80 -14.23 -32.56 8.82
N GLN A 81 -14.03 -33.19 9.97
CA GLN A 81 -13.31 -32.58 11.09
C GLN A 81 -11.87 -32.91 10.84
N GLN A 82 -11.09 -31.92 10.41
CA GLN A 82 -9.69 -32.18 10.12
C GLN A 82 -8.84 -32.12 11.41
N PRO A 83 -8.08 -33.20 11.71
CA PRO A 83 -7.36 -33.27 12.98
C PRO A 83 -6.16 -32.32 13.13
N ASN A 84 -5.80 -31.64 12.05
CA ASN A 84 -4.74 -30.65 12.08
C ASN A 84 -5.25 -29.23 12.46
N LEU A 85 -6.55 -29.13 12.75
CA LEU A 85 -7.22 -27.84 13.01
C LEU A 85 -7.97 -27.91 14.34
N ASP A 86 -7.66 -27.00 15.27
CA ASP A 86 -8.23 -27.06 16.63
C ASP A 86 -9.40 -26.13 16.83
N TYR A 87 -10.43 -26.33 16.02
CA TYR A 87 -11.70 -25.66 16.17
C TYR A 87 -12.79 -26.50 15.45
N ALA A 88 -14.04 -26.33 15.87
CA ALA A 88 -15.16 -26.99 15.20
C ALA A 88 -15.22 -26.58 13.72
N GLN A 89 -15.26 -27.58 12.83
CA GLN A 89 -15.42 -27.32 11.41
C GLN A 89 -16.78 -27.81 10.93
N GLY A 90 -17.11 -27.47 9.70
CA GLY A 90 -18.36 -27.87 9.05
C GLY A 90 -18.61 -29.37 9.05
N SER A 91 -19.87 -29.73 9.27
CA SER A 91 -20.31 -31.12 9.33
C SER A 91 -21.51 -31.25 8.40
N PRO A 92 -21.82 -32.47 7.95
CA PRO A 92 -23.01 -32.67 7.11
C PRO A 92 -24.29 -32.08 7.73
N GLU A 93 -24.48 -32.29 9.03
CA GLU A 93 -25.62 -31.73 9.74
C GLU A 93 -25.65 -30.20 9.58
N GLU A 94 -24.50 -29.57 9.74
CA GLU A 94 -24.42 -28.10 9.60
C GLU A 94 -24.69 -27.62 8.16
N LEU A 95 -24.27 -28.40 7.16
CA LEU A 95 -24.68 -28.11 5.79
C LEU A 95 -26.21 -28.22 5.62
N LYS A 96 -26.86 -29.21 6.26
CA LYS A 96 -28.33 -29.42 6.11
C LYS A 96 -29.12 -28.20 6.70
N GLU A 97 -28.62 -27.67 7.82
CA GLU A 97 -29.16 -26.46 8.41
C GLU A 97 -28.89 -25.20 7.55
N THR A 98 -27.75 -25.11 6.86
CA THR A 98 -27.55 -24.01 5.90
C THR A 98 -28.58 -24.12 4.79
N VAL A 99 -28.75 -25.31 4.24
CA VAL A 99 -29.84 -25.56 3.25
C VAL A 99 -31.21 -25.10 3.76
N ARG A 100 -31.52 -25.41 5.01
CA ARG A 100 -32.84 -25.07 5.57
C ARG A 100 -33.05 -23.53 5.62
N LEU A 101 -32.02 -22.80 6.06
CA LEU A 101 -32.02 -21.34 6.19
C LEU A 101 -32.15 -20.63 4.83
N VAL A 102 -31.49 -21.16 3.79
CA VAL A 102 -31.59 -20.62 2.45
C VAL A 102 -33.00 -20.89 1.86
N GLU A 103 -33.50 -22.12 1.96
CA GLU A 103 -34.84 -22.45 1.46
C GLU A 103 -35.96 -21.59 2.13
N GLU A 104 -35.80 -21.31 3.43
CA GLU A 104 -36.71 -20.44 4.19
C GLU A 104 -36.82 -18.98 3.69
N GLN A 105 -35.75 -18.50 3.04
CA GLN A 105 -35.77 -17.23 2.35
C GLN A 105 -36.53 -17.30 1.00
N GLY A 106 -37.00 -18.50 0.62
CA GLY A 106 -37.69 -18.70 -0.65
C GLY A 106 -36.78 -19.00 -1.82
N ARG A 107 -35.50 -19.31 -1.57
CA ARG A 107 -34.50 -19.59 -2.65
C ARG A 107 -34.23 -21.06 -2.89
N ARG A 108 -33.75 -21.39 -4.09
CA ARG A 108 -33.22 -22.73 -4.38
C ARG A 108 -31.76 -22.85 -3.93
N ILE A 109 -31.34 -24.07 -3.57
CA ILE A 109 -29.94 -24.35 -3.14
C ILE A 109 -29.56 -25.78 -3.50
N ILE A 110 -28.41 -25.91 -4.18
CA ILE A 110 -27.72 -27.18 -4.38
C ILE A 110 -26.58 -27.18 -3.38
N ALA A 111 -26.60 -28.12 -2.43
CA ALA A 111 -25.61 -28.22 -1.37
C ALA A 111 -24.93 -29.58 -1.51
N ARG A 112 -23.59 -29.59 -1.63
CA ARG A 112 -22.81 -30.80 -1.83
C ARG A 112 -21.55 -30.85 -0.98
N GLN A 113 -21.26 -32.03 -0.45
CA GLN A 113 -19.94 -32.33 0.09
C GLN A 113 -18.94 -32.23 -1.06
N ALA A 114 -17.83 -31.55 -0.84
CA ALA A 114 -16.79 -31.42 -1.86
C ALA A 114 -15.50 -30.91 -1.21
N ASP A 115 -14.38 -31.21 -1.87
CA ASP A 115 -13.05 -30.83 -1.49
C ASP A 115 -12.47 -29.86 -2.49
N VAL A 116 -12.32 -28.60 -2.06
CA VAL A 116 -11.71 -27.56 -2.86
C VAL A 116 -10.24 -27.84 -3.27
N ARG A 117 -9.58 -28.71 -2.51
CA ARG A 117 -8.21 -29.17 -2.84
C ARG A 117 -8.14 -30.10 -4.08
N ASP A 118 -9.30 -30.60 -4.49
CA ASP A 118 -9.40 -31.53 -5.58
C ASP A 118 -10.20 -30.95 -6.76
N LEU A 119 -9.51 -30.65 -7.87
CA LEU A 119 -10.16 -29.99 -9.00
C LEU A 119 -11.35 -30.80 -9.50
N ALA A 120 -11.18 -32.11 -9.70
CA ALA A 120 -12.27 -32.96 -10.21
C ALA A 120 -13.53 -32.85 -9.35
N SER A 121 -13.36 -32.78 -8.03
CA SER A 121 -14.47 -32.67 -7.09
C SER A 121 -15.28 -31.41 -7.31
N LEU A 122 -14.59 -30.28 -7.43
CA LEU A 122 -15.28 -29.02 -7.73
C LEU A 122 -15.94 -28.98 -9.09
N GLN A 123 -15.30 -29.54 -10.13
CA GLN A 123 -15.83 -29.51 -11.49
C GLN A 123 -17.17 -30.26 -11.56
N ALA A 124 -17.30 -31.31 -10.73
CA ALA A 124 -18.50 -32.14 -10.68
C ALA A 124 -19.68 -31.36 -10.06
N VAL A 125 -19.42 -30.60 -8.98
CA VAL A 125 -20.46 -29.71 -8.42
C VAL A 125 -20.84 -28.58 -9.39
N VAL A 126 -19.87 -28.02 -10.07
CA VAL A 126 -20.17 -26.97 -11.06
C VAL A 126 -20.98 -27.52 -12.22
N ASP A 127 -20.62 -28.71 -12.69
CA ASP A 127 -21.34 -29.33 -13.78
C ASP A 127 -22.79 -29.59 -13.37
N GLU A 128 -23.01 -30.07 -12.14
CA GLU A 128 -24.37 -30.24 -11.54
C GLU A 128 -25.15 -28.93 -11.37
N ALA A 129 -24.49 -27.95 -10.80
CA ALA A 129 -25.02 -26.58 -10.75
C ALA A 129 -25.49 -26.09 -12.13
N LEU A 130 -24.64 -26.24 -13.13
CA LEU A 130 -24.92 -25.71 -14.47
C LEU A 130 -26.07 -26.49 -15.11
N ALA A 131 -26.16 -27.80 -14.83
CA ALA A 131 -27.27 -28.60 -15.34
C ALA A 131 -28.59 -28.18 -14.67
N GLU A 132 -28.57 -27.86 -13.39
CA GLU A 132 -29.81 -27.47 -12.67
C GLU A 132 -30.19 -25.99 -12.84
N PHE A 133 -29.22 -25.07 -12.73
CA PHE A 133 -29.49 -23.62 -12.75
C PHE A 133 -29.16 -22.94 -14.06
N GLY A 134 -28.27 -23.51 -14.86
CA GLY A 134 -27.91 -22.93 -16.17
C GLY A 134 -26.73 -21.96 -16.17
N HIS A 135 -26.37 -21.43 -15.01
CA HIS A 135 -25.37 -20.35 -14.91
C HIS A 135 -24.93 -20.14 -13.47
N ILE A 136 -23.73 -19.60 -13.30
CA ILE A 136 -23.19 -19.22 -11.99
C ILE A 136 -22.72 -17.78 -12.15
N ASP A 137 -23.21 -16.89 -11.31
CA ASP A 137 -22.96 -15.48 -11.51
C ASP A 137 -21.91 -14.89 -10.58
N ILE A 138 -21.84 -15.45 -9.37
CA ILE A 138 -21.04 -14.89 -8.27
C ILE A 138 -20.26 -16.04 -7.65
N LEU A 139 -18.96 -15.89 -7.51
CA LEU A 139 -18.10 -16.90 -6.85
C LEU A 139 -17.62 -16.25 -5.58
N VAL A 140 -17.91 -16.87 -4.43
CA VAL A 140 -17.43 -16.43 -3.14
C VAL A 140 -16.46 -17.47 -2.66
N SER A 141 -15.17 -17.11 -2.74
CA SER A 141 -14.12 -18.01 -2.35
C SER A 141 -13.89 -17.72 -0.87
N ASN A 142 -14.34 -18.62 -0.02
CA ASN A 142 -14.37 -18.39 1.44
C ASN A 142 -13.02 -18.54 2.25
N VAL A 143 -13.10 -18.46 3.58
CA VAL A 143 -11.94 -18.10 4.44
C VAL A 143 -10.87 -19.21 4.61
N GLY A 144 -11.24 -20.47 4.33
CA GLY A 144 -10.29 -21.56 4.40
C GLY A 144 -9.95 -21.94 5.85
N ILE A 145 -8.67 -22.20 6.14
CA ILE A 145 -8.27 -22.84 7.42
C ILE A 145 -7.03 -22.22 7.99
N SER A 146 -6.77 -22.48 9.27
CA SER A 146 -5.51 -22.05 9.85
C SER A 146 -5.13 -22.78 11.14
N ASN A 147 -3.81 -22.85 11.36
CA ASN A 147 -3.17 -23.29 12.61
C ASN A 147 -1.94 -22.40 12.86
N GLN A 148 -1.17 -22.66 13.92
CA GLN A 148 -0.21 -21.64 14.42
C GLN A 148 1.14 -22.26 14.47
N GLY A 149 2.17 -21.40 14.35
CA GLY A 149 3.56 -21.84 14.48
C GLY A 149 4.44 -20.69 14.05
N GLU A 150 5.56 -20.49 14.73
CA GLU A 150 6.57 -19.55 14.29
C GLU A 150 7.31 -20.13 13.07
N VAL A 151 7.91 -19.24 12.28
CA VAL A 151 8.73 -19.66 11.12
C VAL A 151 9.65 -20.85 11.41
N VAL A 152 10.38 -20.82 12.51
CA VAL A 152 11.29 -21.89 12.82
C VAL A 152 10.63 -23.18 13.30
N SER A 153 9.36 -23.09 13.72
CA SER A 153 8.59 -24.20 14.27
C SER A 153 7.56 -24.84 13.35
N LEU A 154 7.13 -24.13 12.31
CA LEU A 154 6.17 -24.70 11.37
C LEU A 154 6.70 -25.97 10.70
N THR A 155 5.80 -26.88 10.38
CA THR A 155 6.16 -28.13 9.73
C THR A 155 5.82 -27.99 8.23
N ASP A 156 6.39 -28.88 7.42
CA ASP A 156 6.05 -28.96 5.99
C ASP A 156 4.56 -29.23 5.79
N GLN A 157 3.99 -30.02 6.67
CA GLN A 157 2.57 -30.33 6.64
C GLN A 157 1.67 -29.08 6.80
N GLN A 158 1.98 -28.22 7.77
CA GLN A 158 1.25 -26.97 7.97
C GLN A 158 1.30 -26.10 6.76
N TRP A 159 2.50 -25.88 6.22
CA TRP A 159 2.58 -25.14 4.96
C TRP A 159 1.77 -25.80 3.84
N SER A 160 1.93 -27.10 3.63
CA SER A 160 1.30 -27.74 2.47
C SER A 160 -0.21 -27.64 2.65
N ASP A 161 -0.70 -28.02 3.84
CA ASP A 161 -2.12 -27.90 4.14
C ASP A 161 -2.71 -26.51 3.95
N ILE A 162 -2.14 -25.49 4.56
CA ILE A 162 -2.68 -24.13 4.47
C ILE A 162 -2.70 -23.55 3.06
N LEU A 163 -1.64 -23.77 2.27
CA LEU A 163 -1.65 -23.35 0.90
C LEU A 163 -2.59 -24.17 -0.01
N GLN A 164 -2.65 -25.49 0.19
CA GLN A 164 -3.55 -26.33 -0.58
CA GLN A 164 -3.55 -26.32 -0.58
C GLN A 164 -5.00 -25.84 -0.47
N THR A 165 -5.48 -25.59 0.77
CA THR A 165 -6.86 -25.16 0.98
C THR A 165 -7.09 -23.69 0.68
N ASN A 166 -6.18 -22.84 1.14
CA ASN A 166 -6.44 -21.39 1.11
C ASN A 166 -6.12 -20.74 -0.23
N LEU A 167 -5.09 -21.20 -0.89
CA LEU A 167 -4.58 -20.59 -2.11
C LEU A 167 -4.86 -21.47 -3.32
N ILE A 168 -4.33 -22.69 -3.35
CA ILE A 168 -4.61 -23.59 -4.48
C ILE A 168 -6.11 -23.80 -4.62
N GLY A 169 -6.79 -24.00 -3.49
CA GLY A 169 -8.24 -24.19 -3.46
C GLY A 169 -9.01 -23.04 -4.04
N ALA A 170 -8.61 -21.83 -3.66
CA ALA A 170 -9.21 -20.62 -4.22
C ALA A 170 -9.04 -20.59 -5.75
N TRP A 171 -7.86 -20.98 -6.23
CA TRP A 171 -7.59 -21.03 -7.70
C TRP A 171 -8.45 -22.13 -8.32
N HIS A 172 -8.53 -23.30 -7.67
CA HIS A 172 -9.47 -24.34 -8.13
C HIS A 172 -10.89 -23.84 -8.35
N ALA A 173 -11.44 -23.11 -7.39
CA ALA A 173 -12.80 -22.56 -7.51
C ALA A 173 -12.91 -21.67 -8.76
N CYS A 174 -11.99 -20.72 -8.89
CA CYS A 174 -11.86 -19.89 -10.12
C CYS A 174 -11.74 -20.71 -11.40
N ARG A 175 -10.78 -21.64 -11.42
CA ARG A 175 -10.54 -22.53 -12.57
C ARG A 175 -11.87 -23.23 -12.98
N ALA A 176 -12.62 -23.72 -12.01
CA ALA A 176 -13.85 -24.48 -12.26
C ALA A 176 -15.11 -23.66 -12.66
N VAL A 177 -15.25 -22.45 -12.14
CA VAL A 177 -16.46 -21.63 -12.32
C VAL A 177 -16.29 -20.65 -13.50
N LEU A 178 -15.07 -20.16 -13.70
CA LEU A 178 -14.84 -19.13 -14.67
C LEU A 178 -15.11 -19.46 -16.16
N PRO A 179 -14.82 -20.68 -16.65
CA PRO A 179 -15.08 -20.89 -18.08
C PRO A 179 -16.53 -20.64 -18.48
N SER A 180 -17.47 -21.13 -17.65
CA SER A 180 -18.87 -20.94 -17.93
C SER A 180 -19.24 -19.47 -17.86
N MET A 181 -18.66 -18.77 -16.90
CA MET A 181 -18.99 -17.35 -16.67
C MET A 181 -18.44 -16.49 -17.80
N ILE A 182 -17.28 -16.88 -18.35
CA ILE A 182 -16.77 -16.21 -19.54
C ILE A 182 -17.71 -16.55 -20.76
N GLU A 183 -18.00 -17.83 -20.98
CA GLU A 183 -18.75 -18.27 -22.16
C GLU A 183 -20.11 -17.59 -22.27
N ARG A 184 -20.85 -17.58 -21.16
CA ARG A 184 -22.20 -17.02 -21.06
C ARG A 184 -22.26 -15.51 -21.37
N GLY A 185 -21.13 -14.82 -21.25
CA GLY A 185 -21.01 -13.41 -21.66
C GLY A 185 -21.90 -12.40 -20.97
N GLN A 186 -22.34 -12.67 -19.76
CA GLN A 186 -23.10 -11.71 -18.93
C GLN A 186 -22.28 -11.06 -17.81
N GLY A 187 -20.97 -11.25 -17.79
CA GLY A 187 -20.19 -10.73 -16.68
C GLY A 187 -20.44 -11.53 -15.40
N GLY A 188 -20.06 -10.99 -14.28
CA GLY A 188 -20.23 -11.68 -13.01
C GLY A 188 -19.32 -11.07 -11.98
N SER A 189 -19.27 -11.72 -10.81
CA SER A 189 -18.45 -11.27 -9.70
C SER A 189 -17.62 -12.41 -9.17
N VAL A 190 -16.33 -12.14 -8.91
CA VAL A 190 -15.46 -13.05 -8.12
C VAL A 190 -15.03 -12.32 -6.85
N ILE A 191 -15.34 -12.88 -5.70
CA ILE A 191 -15.11 -12.19 -4.47
C ILE A 191 -14.36 -13.15 -3.54
N PHE A 192 -13.12 -12.78 -3.24
CA PHE A 192 -12.27 -13.60 -2.40
C PHE A 192 -12.46 -13.12 -0.97
N VAL A 193 -12.70 -14.04 -0.07
CA VAL A 193 -12.78 -13.73 1.36
C VAL A 193 -11.40 -13.93 1.97
N SER A 194 -10.69 -12.84 2.22
CA SER A 194 -9.24 -12.91 2.58
C SER A 194 -9.12 -12.52 4.04
N SER A 195 -8.25 -11.59 4.38
CA SER A 195 -8.04 -11.28 5.76
C SER A 195 -7.21 -10.06 5.80
N THR A 196 -7.23 -9.39 6.95
CA THR A 196 -6.26 -8.32 7.24
C THR A 196 -4.86 -8.89 7.11
N VAL A 197 -4.67 -10.20 7.33
CA VAL A 197 -3.32 -10.76 7.21
C VAL A 197 -2.93 -11.13 5.78
N GLY A 198 -3.79 -10.77 4.81
CA GLY A 198 -3.44 -10.72 3.42
C GLY A 198 -2.78 -9.39 3.09
N LEU A 199 -2.87 -8.46 4.03
CA LEU A 199 -2.38 -7.09 3.80
C LEU A 199 -1.31 -6.61 4.81
N ARG A 200 -0.98 -7.45 5.79
CA ARG A 200 0.01 -7.20 6.88
C ARG A 200 0.61 -8.51 7.33
N GLY A 201 1.68 -8.46 8.12
CA GLY A 201 2.30 -9.68 8.60
C GLY A 201 1.56 -10.24 9.77
N ALA A 202 1.78 -11.51 10.06
CA ALA A 202 1.11 -12.14 11.20
C ALA A 202 2.08 -13.06 11.92
N PRO A 203 2.74 -12.57 13.00
CA PRO A 203 3.63 -13.43 13.80
C PRO A 203 2.93 -14.63 14.41
N GLY A 204 3.52 -15.79 14.24
CA GLY A 204 2.95 -17.05 14.66
C GLY A 204 2.04 -17.69 13.62
N GLN A 205 1.78 -17.01 12.49
CA GLN A 205 0.87 -17.49 11.45
C GLN A 205 1.41 -17.14 10.05
N SER A 206 2.72 -17.25 9.85
CA SER A 206 3.36 -16.83 8.57
C SER A 206 2.84 -17.61 7.36
N HIS A 207 2.60 -18.91 7.50
CA HIS A 207 1.95 -19.69 6.42
C HIS A 207 0.53 -19.20 6.10
N TYR A 208 -0.25 -18.88 7.12
CA TYR A 208 -1.60 -18.35 6.93
C TYR A 208 -1.53 -16.98 6.23
N ALA A 209 -0.69 -16.10 6.73
CA ALA A 209 -0.55 -14.77 6.11
C ALA A 209 0.06 -14.89 4.68
N ALA A 210 1.02 -15.79 4.46
CA ALA A 210 1.48 -16.07 3.07
C ALA A 210 0.34 -16.53 2.16
N SER A 211 -0.54 -17.38 2.68
CA SER A 211 -1.63 -17.86 1.88
C SER A 211 -2.62 -16.76 1.50
N LYS A 212 -2.96 -15.86 2.40
CA LYS A 212 -3.86 -14.74 2.09
C LYS A 212 -3.19 -13.62 1.28
N HIS A 213 -1.90 -13.37 1.48
CA HIS A 213 -1.14 -12.52 0.55
C HIS A 213 -1.19 -13.12 -0.88
N GLY A 214 -1.00 -14.44 -0.98
CA GLY A 214 -1.19 -15.14 -2.24
C GLY A 214 -2.54 -14.94 -2.93
N VAL A 215 -3.62 -15.04 -2.15
CA VAL A 215 -5.00 -14.73 -2.57
C VAL A 215 -5.14 -13.32 -3.16
N GLN A 216 -4.51 -12.33 -2.53
CA GLN A 216 -4.45 -10.99 -3.07
C GLN A 216 -3.73 -10.96 -4.43
N GLY A 217 -2.62 -11.67 -4.54
CA GLY A 217 -1.91 -11.70 -5.80
C GLY A 217 -2.73 -12.36 -6.90
N LEU A 218 -3.38 -13.48 -6.56
CA LEU A 218 -4.34 -14.13 -7.44
C LEU A 218 -5.45 -13.19 -7.86
N MET A 219 -6.08 -12.51 -6.85
CA MET A 219 -7.19 -11.55 -7.11
C MET A 219 -6.78 -10.49 -8.16
N LEU A 220 -5.65 -9.86 -7.92
CA LEU A 220 -5.16 -8.76 -8.77
C LEU A 220 -4.79 -9.23 -10.20
N SER A 221 -4.24 -10.43 -10.29
CA SER A 221 -3.88 -11.03 -11.57
C SER A 221 -5.13 -11.36 -12.35
N LEU A 222 -6.08 -12.02 -11.66
CA LEU A 222 -7.39 -12.35 -12.23
C LEU A 222 -8.13 -11.11 -12.71
N ALA A 223 -8.05 -10.04 -11.91
CA ALA A 223 -8.62 -8.72 -12.25
C ALA A 223 -8.15 -8.22 -13.61
N ASN A 224 -6.88 -8.43 -13.87
CA ASN A 224 -6.27 -8.06 -15.14
C ASN A 224 -6.63 -8.99 -16.28
N GLU A 225 -7.07 -10.22 -15.97
CA GLU A 225 -7.42 -11.17 -17.03
C GLU A 225 -8.88 -11.13 -17.43
N VAL A 226 -9.80 -11.01 -16.46
CA VAL A 226 -11.21 -11.18 -16.79
C VAL A 226 -11.98 -9.86 -16.71
N GLY A 227 -11.28 -8.76 -16.40
CA GLY A 227 -11.93 -7.45 -16.44
C GLY A 227 -12.65 -7.19 -17.74
N ARG A 228 -11.99 -7.54 -18.86
CA ARG A 228 -12.53 -7.29 -20.19
C ARG A 228 -13.85 -8.03 -20.40
N HIS A 229 -14.11 -9.06 -19.62
CA HIS A 229 -15.34 -9.82 -19.71
C HIS A 229 -16.47 -9.27 -18.89
N ASN A 230 -16.23 -8.11 -18.29
CA ASN A 230 -17.13 -7.54 -17.28
C ASN A 230 -17.34 -8.41 -16.05
N ILE A 231 -16.30 -9.14 -15.67
CA ILE A 231 -16.28 -9.97 -14.47
C ILE A 231 -15.42 -9.22 -13.48
N ARG A 232 -16.08 -8.76 -12.40
CA ARG A 232 -15.44 -7.95 -11.36
C ARG A 232 -14.85 -8.87 -10.33
N VAL A 233 -13.67 -8.51 -9.86
CA VAL A 233 -12.84 -9.33 -9.01
C VAL A 233 -12.32 -8.45 -7.87
N ASN A 234 -12.64 -8.81 -6.64
CA ASN A 234 -12.25 -8.03 -5.46
C ASN A 234 -11.97 -8.95 -4.27
N SER A 235 -11.38 -8.42 -3.22
CA SER A 235 -11.37 -9.14 -1.95
C SER A 235 -12.09 -8.37 -0.86
N VAL A 236 -12.65 -9.11 0.10
CA VAL A 236 -13.06 -8.55 1.40
C VAL A 236 -12.08 -9.13 2.44
N ASN A 237 -11.65 -8.27 3.33
CA ASN A 237 -10.51 -8.58 4.20
C ASN A 237 -10.90 -8.31 5.65
N PRO A 238 -11.55 -9.27 6.28
CA PRO A 238 -11.92 -9.13 7.69
C PRO A 238 -10.72 -9.21 8.64
N GLY A 239 -10.83 -8.48 9.75
CA GLY A 239 -9.97 -8.58 10.89
C GLY A 239 -10.47 -9.70 11.80
N ALA A 240 -10.37 -9.48 13.11
CA ALA A 240 -10.99 -10.39 14.09
C ALA A 240 -12.50 -10.41 13.80
N VAL A 241 -13.04 -11.61 13.62
CA VAL A 241 -14.46 -11.86 13.36
C VAL A 241 -14.98 -12.86 14.40
N ASN A 242 -16.27 -12.78 14.69
CA ASN A 242 -16.89 -13.66 15.69
C ASN A 242 -17.16 -15.06 15.10
N THR A 243 -16.11 -15.88 14.93
CA THR A 243 -16.30 -17.30 14.57
C THR A 243 -15.35 -18.19 15.37
N GLU A 244 -15.59 -19.51 15.36
CA GLU A 244 -14.66 -20.47 15.99
C GLU A 244 -13.25 -20.51 15.32
N MET A 245 -13.17 -20.31 14.02
CA MET A 245 -11.86 -20.25 13.37
C MET A 245 -10.99 -19.12 13.91
N ALA A 246 -11.58 -17.94 14.11
CA ALA A 246 -10.83 -16.77 14.57
C ALA A 246 -10.68 -16.66 16.10
N LEU A 247 -11.55 -17.30 16.87
CA LEU A 247 -11.55 -17.16 18.34
C LEU A 247 -11.31 -18.43 19.16
N ASN A 248 -10.83 -19.48 18.51
CA ASN A 248 -10.69 -20.75 19.18
C ASN A 248 -9.52 -20.68 20.21
N GLU A 249 -9.62 -21.51 21.24
CA GLU A 249 -8.78 -21.41 22.40
C GLU A 249 -7.29 -21.63 22.13
N LYS A 250 -6.97 -22.56 21.23
CA LYS A 250 -5.56 -22.83 20.88
C LYS A 250 -4.91 -21.56 20.33
N LEU A 251 -5.59 -20.90 19.40
CA LEU A 251 -5.12 -19.60 18.87
C LEU A 251 -5.01 -18.49 19.93
N LEU A 252 -6.04 -18.35 20.76
CA LEU A 252 -5.97 -17.41 21.88
C LEU A 252 -4.73 -17.64 22.76
N LYS A 253 -4.39 -18.88 23.03
CA LYS A 253 -3.22 -19.20 23.89
C LYS A 253 -1.91 -18.68 23.30
N MET A 254 -1.79 -18.70 21.96
CA MET A 254 -0.61 -18.16 21.32
C MET A 254 -0.53 -16.68 21.66
N PHE A 255 -1.67 -16.00 21.53
CA PHE A 255 -1.75 -14.55 21.73
C PHE A 255 -1.70 -14.17 23.18
N LEU A 256 -2.09 -15.09 24.07
CA LEU A 256 -2.15 -14.79 25.49
C LEU A 256 -1.36 -15.84 26.28
N PRO A 257 -0.03 -15.93 26.03
CA PRO A 257 0.82 -17.03 26.55
C PRO A 257 0.94 -17.06 28.09
N HIS A 258 0.64 -15.92 28.72
CA HIS A 258 0.53 -15.79 30.17
C HIS A 258 -0.79 -16.38 30.74
N LEU A 259 -1.77 -16.63 29.88
CA LEU A 259 -3.06 -17.18 30.37
C LEU A 259 -3.19 -18.69 30.09
N GLU A 260 -3.30 -19.46 31.18
CA GLU A 260 -3.53 -20.92 31.12
C GLU A 260 -4.72 -21.33 30.24
N ASN A 261 -5.92 -20.83 30.53
CA ASN A 261 -7.13 -21.16 29.76
C ASN A 261 -7.86 -19.87 29.34
N PRO A 262 -7.47 -19.26 28.23
CA PRO A 262 -8.14 -18.00 27.88
C PRO A 262 -9.63 -18.20 27.46
N THR A 263 -10.49 -17.29 27.92
CA THR A 263 -11.91 -17.31 27.57
C THR A 263 -12.28 -16.33 26.43
N ARG A 264 -13.55 -16.37 26.00
CA ARG A 264 -14.09 -15.37 25.06
C ARG A 264 -14.00 -13.95 25.58
N GLU A 265 -14.20 -13.76 26.90
CA GLU A 265 -13.98 -12.47 27.57
C GLU A 265 -12.50 -12.04 27.42
N ASP A 266 -11.59 -13.00 27.55
CA ASP A 266 -10.16 -12.69 27.46
C ASP A 266 -9.86 -12.32 26.01
N ALA A 267 -10.47 -13.05 25.09
CA ALA A 267 -10.43 -12.68 23.69
C ALA A 267 -10.98 -11.27 23.44
N ALA A 268 -12.13 -10.91 24.00
CA ALA A 268 -12.72 -9.58 23.74
C ALA A 268 -11.78 -8.47 24.19
N GLU A 269 -11.15 -8.67 25.34
CA GLU A 269 -10.27 -7.67 25.94
C GLU A 269 -9.02 -7.51 25.12
N LEU A 270 -8.53 -8.59 24.52
CA LEU A 270 -7.33 -8.53 23.66
C LEU A 270 -7.67 -7.79 22.38
N PHE A 271 -8.66 -8.30 21.64
CA PHE A 271 -8.94 -7.83 20.28
C PHE A 271 -9.53 -6.46 20.21
N SER A 272 -10.16 -6.02 21.30
CA SER A 272 -10.75 -4.68 21.40
C SER A 272 -9.68 -3.60 21.26
N GLN A 273 -8.44 -3.94 21.61
CA GLN A 273 -7.33 -2.99 21.54
C GLN A 273 -6.85 -2.84 20.12
N LEU A 274 -7.32 -3.73 19.25
CA LEU A 274 -6.84 -3.76 17.89
C LEU A 274 -7.78 -2.96 16.99
N THR A 275 -9.07 -2.92 17.33
CA THR A 275 -10.02 -2.16 16.58
C THR A 275 -10.05 -0.71 17.08
N LEU A 276 -10.34 0.22 16.18
CA LEU A 276 -10.46 1.64 16.54
C LEU A 276 -11.92 1.92 16.96
N LEU A 277 -12.88 1.22 16.33
CA LEU A 277 -14.27 1.28 16.74
C LEU A 277 -14.39 0.53 18.05
N PRO A 278 -15.42 0.85 18.87
CA PRO A 278 -15.52 0.25 20.21
C PRO A 278 -16.24 -1.11 20.17
N ILE A 279 -15.59 -2.05 19.50
CA ILE A 279 -16.13 -3.40 19.37
C ILE A 279 -15.00 -4.36 19.56
N PRO A 280 -15.34 -5.60 19.96
CA PRO A 280 -14.30 -6.60 20.09
C PRO A 280 -13.82 -7.22 18.78
N TRP A 281 -14.73 -7.34 17.81
CA TRP A 281 -14.51 -7.98 16.52
C TRP A 281 -15.73 -7.62 15.65
N VAL A 282 -15.65 -7.89 14.37
CA VAL A 282 -16.81 -7.79 13.52
C VAL A 282 -17.56 -9.11 13.58
N GLU A 283 -18.82 -9.08 13.18
CA GLU A 283 -19.62 -10.29 13.02
C GLU A 283 -19.46 -10.84 11.58
N PRO A 284 -19.60 -12.16 11.41
CA PRO A 284 -19.58 -12.70 10.08
C PRO A 284 -20.66 -12.11 9.18
N GLU A 285 -21.80 -11.69 9.74
CA GLU A 285 -22.81 -10.94 8.99
C GLU A 285 -22.22 -9.69 8.33
N ASP A 286 -21.26 -9.05 9.01
CA ASP A 286 -20.65 -7.84 8.49
C ASP A 286 -19.82 -8.14 7.26
N VAL A 287 -19.14 -9.28 7.26
CA VAL A 287 -18.32 -9.67 6.12
C VAL A 287 -19.30 -9.97 4.96
N SER A 288 -20.41 -10.65 5.27
CA SER A 288 -21.36 -11.05 4.24
C SER A 288 -22.04 -9.84 3.60
N ASN A 289 -22.27 -8.77 4.37
CA ASN A 289 -22.91 -7.58 3.83
C ASN A 289 -22.02 -6.95 2.79
N ALA A 290 -20.72 -6.99 3.04
CA ALA A 290 -19.76 -6.46 2.06
C ALA A 290 -19.76 -7.28 0.77
N VAL A 291 -19.77 -8.60 0.92
CA VAL A 291 -19.87 -9.56 -0.18
C VAL A 291 -21.13 -9.29 -1.01
N ALA A 292 -22.26 -9.21 -0.33
CA ALA A 292 -23.52 -8.97 -0.98
C ALA A 292 -23.53 -7.63 -1.72
N TRP A 293 -22.94 -6.58 -1.14
CA TRP A 293 -22.95 -5.30 -1.82
C TRP A 293 -22.07 -5.37 -3.09
N LEU A 294 -20.86 -5.92 -2.97
CA LEU A 294 -19.94 -6.05 -4.12
C LEU A 294 -20.61 -6.75 -5.32
N ALA A 295 -21.50 -7.72 -5.03
CA ALA A 295 -22.18 -8.48 -6.07
C ALA A 295 -23.29 -7.71 -6.76
N SER A 296 -23.68 -6.55 -6.22
CA SER A 296 -24.86 -5.85 -6.67
C SER A 296 -24.48 -4.81 -7.70
N ASP A 297 -25.49 -4.34 -8.42
CA ASP A 297 -25.33 -3.27 -9.40
C ASP A 297 -24.85 -1.94 -8.77
N GLU A 298 -25.07 -1.81 -7.48
CA GLU A 298 -24.57 -0.62 -6.74
C GLU A 298 -23.04 -0.53 -6.78
N ALA A 299 -22.39 -1.67 -6.97
CA ALA A 299 -20.93 -1.81 -6.88
C ALA A 299 -20.36 -2.27 -8.24
N ARG A 300 -21.14 -2.04 -9.29
CA ARG A 300 -20.90 -2.64 -10.61
C ARG A 300 -19.54 -2.32 -11.19
N TYR A 301 -18.97 -1.15 -10.84
CA TYR A 301 -17.64 -0.85 -11.32
C TYR A 301 -16.49 -0.94 -10.27
N ILE A 302 -16.75 -1.52 -9.09
CA ILE A 302 -15.70 -1.75 -8.09
C ILE A 302 -14.93 -3.01 -8.59
N HIS A 303 -13.63 -2.85 -8.82
CA HIS A 303 -12.81 -3.89 -9.45
C HIS A 303 -11.36 -3.69 -9.02
N GLY A 304 -10.78 -4.77 -8.50
CA GLY A 304 -9.42 -4.79 -8.00
C GLY A 304 -9.24 -4.26 -6.60
N ALA A 305 -10.34 -4.15 -5.83
CA ALA A 305 -10.34 -3.60 -4.48
C ALA A 305 -10.21 -4.69 -3.44
N ALA A 306 -9.56 -4.34 -2.32
CA ALA A 306 -9.49 -5.14 -1.11
C ALA A 306 -10.12 -4.28 -0.03
N ILE A 307 -11.32 -4.65 0.40
CA ILE A 307 -12.07 -3.81 1.34
C ILE A 307 -11.88 -4.42 2.72
N PRO A 308 -11.24 -3.70 3.63
CA PRO A 308 -11.13 -4.19 4.99
C PRO A 308 -12.49 -4.10 5.73
N VAL A 309 -12.80 -5.17 6.44
CA VAL A 309 -13.94 -5.20 7.35
C VAL A 309 -13.39 -5.54 8.74
N ASP A 310 -12.98 -4.53 9.49
CA ASP A 310 -12.06 -4.74 10.58
C ASP A 310 -12.10 -3.67 11.67
N GLY A 311 -13.10 -2.80 11.62
CA GLY A 311 -13.28 -1.76 12.61
C GLY A 311 -12.06 -0.89 12.80
N GLY A 312 -11.30 -0.73 11.73
CA GLY A 312 -10.09 0.12 11.75
C GLY A 312 -8.76 -0.52 12.10
N GLN A 313 -8.72 -1.85 12.24
CA GLN A 313 -7.49 -2.53 12.66
C GLN A 313 -6.32 -2.16 11.78
N LEU A 314 -6.50 -2.14 10.46
CA LEU A 314 -5.32 -1.85 9.54
C LEU A 314 -4.90 -0.39 9.55
N ALA A 315 -5.79 0.47 9.97
CA ALA A 315 -5.56 1.91 9.97
C ALA A 315 -5.01 2.36 11.31
N ARG A 316 -4.92 1.48 12.30
CA ARG A 316 -4.48 1.85 13.63
C ARG A 316 -3.03 2.28 13.55
N ALA A 317 -2.72 3.38 14.25
CA ALA A 317 -1.45 4.14 14.12
C ALA A 317 -0.27 3.41 14.74
N ASN B 42 35.28 -2.65 2.53
CA ASN B 42 34.80 -3.98 2.93
C ASN B 42 33.70 -3.93 4.03
N ARG B 43 32.48 -3.66 3.56
CA ARG B 43 31.31 -3.44 4.40
C ARG B 43 30.81 -4.73 5.07
N LEU B 44 31.09 -5.88 4.45
CA LEU B 44 30.55 -7.14 4.95
C LEU B 44 31.65 -8.05 5.50
N GLN B 45 32.76 -7.44 5.98
CA GLN B 45 33.91 -8.22 6.44
C GLN B 45 33.49 -9.08 7.60
N GLY B 46 33.81 -10.37 7.51
CA GLY B 46 33.53 -11.31 8.61
C GLY B 46 32.18 -11.98 8.50
N LYS B 47 31.33 -11.54 7.57
CA LYS B 47 30.00 -12.13 7.42
C LYS B 47 30.01 -13.33 6.48
N VAL B 48 29.01 -14.20 6.68
CA VAL B 48 28.79 -15.40 5.88
C VAL B 48 27.41 -15.27 5.29
N ALA B 49 27.35 -15.32 3.98
CA ALA B 49 26.09 -15.18 3.22
C ALA B 49 25.74 -16.53 2.62
N PHE B 50 24.54 -16.99 2.93
CA PHE B 50 23.93 -18.16 2.30
C PHE B 50 23.00 -17.73 1.16
N ILE B 51 23.30 -18.18 -0.05
CA ILE B 51 22.64 -17.69 -1.29
C ILE B 51 22.03 -18.86 -2.06
N THR B 52 20.75 -18.80 -2.36
CA THR B 52 20.07 -19.81 -3.12
C THR B 52 20.10 -19.39 -4.60
N GLY B 53 19.98 -20.37 -5.47
CA GLY B 53 20.05 -20.22 -6.93
C GLY B 53 21.34 -19.57 -7.44
N ALA B 54 22.47 -19.93 -6.83
CA ALA B 54 23.75 -19.24 -7.04
C ALA B 54 24.55 -19.69 -8.26
N ALA B 55 24.05 -20.66 -9.02
CA ALA B 55 24.83 -21.15 -10.18
C ALA B 55 25.00 -20.10 -11.26
N ARG B 56 23.93 -19.34 -11.53
CA ARG B 56 23.97 -18.33 -12.60
C ARG B 56 22.98 -17.20 -12.36
N GLY B 57 22.95 -16.23 -13.28
CA GLY B 57 21.96 -15.17 -13.23
C GLY B 57 22.06 -14.33 -11.99
N GLN B 58 20.88 -14.05 -11.40
CA GLN B 58 20.78 -13.21 -10.23
CA GLN B 58 20.83 -13.17 -10.23
C GLN B 58 21.61 -13.78 -9.06
N GLY B 59 21.48 -15.08 -8.84
CA GLY B 59 22.15 -15.75 -7.76
C GLY B 59 23.64 -15.57 -7.75
N ARG B 60 24.23 -15.69 -8.95
CA ARG B 60 25.66 -15.57 -9.08
C ARG B 60 26.12 -14.15 -8.84
N THR B 61 25.41 -13.17 -9.38
CA THR B 61 25.80 -11.79 -9.12
C THR B 61 25.70 -11.42 -7.64
N HIS B 62 24.71 -11.96 -6.91
CA HIS B 62 24.67 -11.72 -5.45
C HIS B 62 25.94 -12.27 -4.77
N ALA B 63 26.33 -13.50 -5.11
CA ALA B 63 27.49 -14.13 -4.49
C ALA B 63 28.71 -13.28 -4.67
N VAL B 64 28.96 -12.92 -5.94
CA VAL B 64 30.12 -12.14 -6.29
C VAL B 64 30.08 -10.75 -5.60
N ARG B 65 28.91 -10.11 -5.64
CA ARG B 65 28.79 -8.77 -5.07
C ARG B 65 29.05 -8.78 -3.56
N LEU B 66 28.58 -9.82 -2.88
CA LEU B 66 28.80 -9.87 -1.42
C LEU B 66 30.26 -10.25 -1.11
N ALA B 67 30.79 -11.19 -1.89
CA ALA B 67 32.20 -11.54 -1.85
C ALA B 67 33.06 -10.28 -2.04
N GLN B 68 32.66 -9.43 -2.97
CA GLN B 68 33.33 -8.16 -3.17
C GLN B 68 33.33 -7.32 -1.90
N ASP B 69 32.25 -7.32 -1.14
CA ASP B 69 32.23 -6.62 0.14
C ASP B 69 32.87 -7.37 1.31
N GLY B 70 33.45 -8.53 1.06
CA GLY B 70 34.26 -9.22 2.06
C GLY B 70 33.53 -10.33 2.78
N ALA B 71 32.34 -10.70 2.29
CA ALA B 71 31.59 -11.80 2.88
C ALA B 71 32.05 -13.14 2.31
N ASP B 72 32.15 -14.15 3.17
CA ASP B 72 32.22 -15.52 2.71
C ASP B 72 30.81 -16.05 2.34
N ILE B 73 30.79 -17.12 1.55
CA ILE B 73 29.58 -17.51 0.81
C ILE B 73 29.29 -18.99 0.93
N VAL B 74 28.01 -19.29 1.20
CA VAL B 74 27.48 -20.62 1.07
C VAL B 74 26.49 -20.54 -0.07
N ALA B 75 26.78 -21.26 -1.15
CA ALA B 75 26.02 -21.15 -2.39
C ALA B 75 25.43 -22.52 -2.70
N ILE B 76 24.14 -22.53 -3.05
CA ILE B 76 23.48 -23.71 -3.53
C ILE B 76 22.68 -23.40 -4.77
N ASP B 77 22.42 -24.45 -5.51
CA ASP B 77 21.67 -24.44 -6.74
C ASP B 77 21.32 -25.87 -7.02
N LEU B 78 20.14 -26.07 -7.61
CA LEU B 78 19.62 -27.38 -7.98
C LEU B 78 20.45 -27.98 -9.12
N CYS B 79 21.07 -27.11 -9.94
CA CYS B 79 22.05 -27.56 -10.96
C CYS B 79 21.42 -28.57 -11.95
N ARG B 80 20.17 -28.30 -12.35
CA ARG B 80 19.41 -29.20 -13.22
C ARG B 80 18.45 -28.38 -14.12
N GLN B 81 18.32 -28.82 -15.37
CA GLN B 81 17.47 -28.17 -16.38
C GLN B 81 15.98 -28.45 -16.14
N ASN B 84 9.66 -27.92 -18.15
CA ASN B 84 8.55 -27.05 -17.72
C ASN B 84 8.94 -25.58 -17.54
N LEU B 85 10.23 -25.28 -17.69
CA LEU B 85 10.76 -23.91 -17.70
C LEU B 85 11.43 -23.65 -19.05
N ASP B 86 10.97 -22.61 -19.75
CA ASP B 86 11.45 -22.31 -21.11
C ASP B 86 12.62 -21.33 -21.08
N TYR B 87 13.61 -21.61 -20.21
CA TYR B 87 14.91 -20.88 -20.18
C TYR B 87 16.07 -21.68 -19.56
N ALA B 88 17.30 -21.29 -19.90
CA ALA B 88 18.51 -21.89 -19.34
C ALA B 88 18.52 -21.73 -17.82
N GLN B 89 18.76 -22.84 -17.12
CA GLN B 89 18.87 -22.82 -15.66
C GLN B 89 20.27 -23.23 -15.27
N GLY B 90 20.57 -23.15 -13.98
CA GLY B 90 21.91 -23.46 -13.46
C GLY B 90 22.32 -24.90 -13.70
N SER B 91 23.63 -25.10 -13.93
CA SER B 91 24.23 -26.43 -14.07
C SER B 91 25.42 -26.54 -13.09
N PRO B 92 25.91 -27.78 -12.83
CA PRO B 92 27.13 -27.96 -12.02
C PRO B 92 28.36 -27.21 -12.55
N GLU B 93 28.50 -27.11 -13.86
CA GLU B 93 29.57 -26.32 -14.48
C GLU B 93 29.43 -24.80 -14.18
N GLU B 94 28.20 -24.31 -14.13
CA GLU B 94 28.00 -22.91 -13.82
C GLU B 94 28.28 -22.65 -12.33
N LEU B 95 27.98 -23.61 -11.46
CA LEU B 95 28.32 -23.47 -10.04
C LEU B 95 29.84 -23.36 -9.79
N LYS B 96 30.64 -24.20 -10.47
CA LYS B 96 32.10 -24.08 -10.43
C LYS B 96 32.61 -22.67 -10.79
N GLU B 97 32.05 -22.07 -11.84
CA GLU B 97 32.42 -20.70 -12.19
C GLU B 97 32.00 -19.67 -11.10
N THR B 98 30.84 -19.83 -10.49
CA THR B 98 30.52 -18.96 -9.35
C THR B 98 31.60 -19.07 -8.29
N VAL B 99 31.98 -20.30 -7.96
CA VAL B 99 33.11 -20.57 -7.04
C VAL B 99 34.36 -19.84 -7.51
N ARG B 100 34.67 -19.91 -8.82
CA ARG B 100 35.92 -19.31 -9.34
C ARG B 100 35.93 -17.78 -9.13
N LEU B 101 34.84 -17.12 -9.54
CA LEU B 101 34.64 -15.66 -9.36
C LEU B 101 34.67 -15.18 -7.91
N VAL B 102 34.08 -15.97 -6.99
CA VAL B 102 34.09 -15.64 -5.56
C VAL B 102 35.50 -15.81 -4.95
N GLU B 103 36.17 -16.91 -5.33
CA GLU B 103 37.53 -17.14 -4.92
C GLU B 103 38.48 -16.05 -5.46
N GLU B 104 38.26 -15.57 -6.68
CA GLU B 104 39.04 -14.48 -7.25
C GLU B 104 38.93 -13.19 -6.40
N GLN B 105 37.83 -13.05 -5.66
CA GLN B 105 37.72 -11.95 -4.70
C GLN B 105 38.52 -12.19 -3.41
N GLY B 106 39.11 -13.38 -3.28
CA GLY B 106 39.84 -13.75 -2.04
C GLY B 106 38.94 -14.19 -0.89
N ARG B 107 37.74 -14.67 -1.20
CA ARG B 107 36.83 -15.16 -0.18
C ARG B 107 36.81 -16.68 -0.16
N ARG B 108 36.15 -17.22 0.85
CA ARG B 108 35.90 -18.65 0.92
C ARG B 108 34.48 -18.91 0.44
N ILE B 109 34.28 -20.09 -0.13
CA ILE B 109 32.97 -20.48 -0.56
C ILE B 109 32.80 -21.97 -0.35
N ILE B 110 31.64 -22.35 0.21
CA ILE B 110 31.13 -23.73 0.17
C ILE B 110 29.98 -23.74 -0.85
N ALA B 111 30.14 -24.49 -1.94
CA ALA B 111 29.14 -24.56 -2.99
C ALA B 111 28.61 -25.99 -3.10
N ARG B 112 27.29 -26.15 -3.00
CA ARG B 112 26.70 -27.49 -2.95
C ARG B 112 25.48 -27.58 -3.81
N GLN B 113 25.33 -28.69 -4.51
CA GLN B 113 24.06 -28.99 -5.16
C GLN B 113 23.03 -29.20 -4.02
N ALA B 114 21.87 -28.55 -4.08
CA ALA B 114 20.79 -28.81 -3.12
C ALA B 114 19.45 -28.35 -3.63
N ASP B 115 18.39 -28.85 -3.01
CA ASP B 115 17.07 -28.57 -3.48
C ASP B 115 16.25 -27.83 -2.42
N VAL B 116 15.87 -26.57 -2.70
CA VAL B 116 15.16 -25.76 -1.70
C VAL B 116 13.80 -26.37 -1.35
N ARG B 117 13.28 -27.17 -2.29
CA ARG B 117 12.08 -27.95 -2.08
C ARG B 117 12.19 -29.04 -1.03
N ASP B 118 13.41 -29.35 -0.61
CA ASP B 118 13.70 -30.41 0.35
C ASP B 118 14.45 -29.83 1.54
N LEU B 119 13.75 -29.72 2.67
CA LEU B 119 14.30 -29.15 3.91
C LEU B 119 15.57 -29.86 4.37
N ALA B 120 15.49 -31.18 4.54
CA ALA B 120 16.66 -32.02 4.85
C ALA B 120 17.87 -31.72 3.96
N SER B 121 17.63 -31.48 2.67
CA SER B 121 18.71 -31.18 1.74
C SER B 121 19.35 -29.85 2.14
N LEU B 122 18.51 -28.86 2.49
CA LEU B 122 19.02 -27.60 2.93
C LEU B 122 19.69 -27.69 4.29
N GLN B 123 19.14 -28.49 5.24
CA GLN B 123 19.70 -28.59 6.60
C GLN B 123 21.11 -29.18 6.54
N ALA B 124 21.31 -30.17 5.66
CA ALA B 124 22.62 -30.80 5.44
C ALA B 124 23.68 -29.75 5.03
N VAL B 125 23.34 -28.89 4.09
CA VAL B 125 24.26 -27.80 3.66
C VAL B 125 24.49 -26.78 4.78
N VAL B 126 23.44 -26.36 5.48
CA VAL B 126 23.60 -25.45 6.63
C VAL B 126 24.56 -26.04 7.67
N ASP B 127 24.38 -27.32 7.98
CA ASP B 127 25.22 -27.99 8.97
C ASP B 127 26.69 -28.02 8.55
N GLU B 128 26.94 -28.14 7.25
CA GLU B 128 28.31 -28.15 6.74
C GLU B 128 28.96 -26.76 6.83
N ALA B 129 28.24 -25.74 6.35
CA ALA B 129 28.65 -24.35 6.54
C ALA B 129 28.95 -24.01 8.01
N LEU B 130 28.10 -24.44 8.95
CA LEU B 130 28.34 -24.17 10.37
C LEU B 130 29.60 -24.90 10.91
N ALA B 131 29.82 -26.14 10.46
CA ALA B 131 31.01 -26.88 10.85
C ALA B 131 32.29 -26.17 10.34
N GLU B 132 32.17 -25.45 9.24
CA GLU B 132 33.32 -24.83 8.53
C GLU B 132 33.55 -23.38 8.89
N PHE B 133 32.49 -22.58 8.88
CA PHE B 133 32.57 -21.15 9.14
C PHE B 133 32.16 -20.77 10.56
N GLY B 134 31.32 -21.59 11.18
CA GLY B 134 30.84 -21.31 12.55
C GLY B 134 29.53 -20.54 12.63
N HIS B 135 29.10 -19.93 11.54
CA HIS B 135 27.94 -19.04 11.59
C HIS B 135 27.49 -18.64 10.18
N ILE B 136 26.21 -18.25 10.08
CA ILE B 136 25.61 -17.66 8.87
C ILE B 136 24.94 -16.35 9.28
N ASP B 137 25.33 -15.27 8.65
CA ASP B 137 24.85 -13.96 9.05
C ASP B 137 23.77 -13.41 8.13
N ILE B 138 23.85 -13.77 6.84
CA ILE B 138 23.01 -13.22 5.79
C ILE B 138 22.37 -14.39 5.01
N LEU B 139 21.05 -14.37 4.87
CA LEU B 139 20.31 -15.29 4.01
C LEU B 139 19.73 -14.48 2.82
N VAL B 140 20.14 -14.80 1.60
CA VAL B 140 19.57 -14.22 0.38
C VAL B 140 18.69 -15.30 -0.23
N SER B 141 17.38 -15.16 -0.03
CA SER B 141 16.46 -16.13 -0.59
C SER B 141 16.15 -15.63 -2.00
N ASN B 142 16.86 -16.22 -2.94
CA ASN B 142 16.91 -15.72 -4.29
C ASN B 142 15.92 -16.48 -5.17
N VAL B 143 15.86 -16.01 -6.41
CA VAL B 143 14.64 -15.67 -7.19
C VAL B 143 13.62 -16.73 -7.67
N GLY B 144 13.95 -18.02 -7.67
CA GLY B 144 12.96 -19.02 -7.99
C GLY B 144 12.61 -19.17 -9.48
N ILE B 145 11.38 -19.63 -9.80
CA ILE B 145 11.02 -19.98 -11.17
C ILE B 145 9.68 -19.45 -11.61
N SER B 146 9.43 -19.48 -12.92
CA SER B 146 8.16 -19.02 -13.47
CA SER B 146 8.14 -19.07 -13.44
C SER B 146 7.86 -19.67 -14.82
N ASN B 147 6.57 -19.76 -15.14
CA ASN B 147 6.10 -20.10 -16.49
C ASN B 147 4.75 -19.40 -16.64
N GLN B 148 4.03 -19.69 -17.72
CA GLN B 148 2.92 -18.84 -18.14
C GLN B 148 1.61 -19.60 -18.18
N GLY B 149 0.53 -18.88 -17.93
CA GLY B 149 -0.82 -19.38 -18.20
C GLY B 149 -1.85 -18.48 -17.55
N GLU B 150 -3.00 -18.33 -18.21
CA GLU B 150 -4.10 -17.59 -17.62
C GLU B 150 -4.73 -18.42 -16.52
N VAL B 151 -5.55 -17.79 -15.66
CA VAL B 151 -6.18 -18.47 -14.52
C VAL B 151 -6.96 -19.73 -14.95
N VAL B 152 -7.74 -19.61 -16.02
CA VAL B 152 -8.54 -20.75 -16.53
C VAL B 152 -7.67 -21.84 -17.20
N SER B 153 -6.42 -21.50 -17.55
CA SER B 153 -5.54 -22.39 -18.34
C SER B 153 -4.37 -23.00 -17.57
N LEU B 154 -4.01 -22.46 -16.42
CA LEU B 154 -2.93 -23.03 -15.62
C LEU B 154 -3.25 -24.46 -15.13
N THR B 155 -2.21 -25.22 -14.85
CA THR B 155 -2.39 -26.59 -14.36
C THR B 155 -2.10 -26.64 -12.86
N ASP B 156 -2.58 -27.72 -12.24
CA ASP B 156 -2.18 -28.05 -10.91
C ASP B 156 -0.65 -28.18 -10.76
N GLN B 157 -0.01 -28.79 -11.75
CA GLN B 157 1.45 -28.96 -11.70
C GLN B 157 2.17 -27.62 -11.71
N GLN B 158 1.68 -26.69 -12.53
CA GLN B 158 2.23 -25.31 -12.57
C GLN B 158 2.15 -24.60 -11.21
N TRP B 159 0.97 -24.63 -10.57
CA TRP B 159 0.86 -24.06 -9.22
C TRP B 159 1.74 -24.78 -8.22
N SER B 160 1.80 -26.11 -8.27
CA SER B 160 2.57 -26.86 -7.26
C SER B 160 4.05 -26.52 -7.38
N ASP B 161 4.59 -26.60 -8.60
CA ASP B 161 6.01 -26.32 -8.85
C ASP B 161 6.36 -24.87 -8.40
N ILE B 162 5.51 -23.91 -8.77
CA ILE B 162 5.87 -22.49 -8.48
C ILE B 162 5.74 -22.22 -6.99
N LEU B 163 4.69 -22.72 -6.33
CA LEU B 163 4.61 -22.53 -4.90
C LEU B 163 5.74 -23.24 -4.15
N GLN B 164 6.03 -24.50 -4.53
CA GLN B 164 7.08 -25.30 -3.89
CA GLN B 164 7.06 -25.30 -3.85
C GLN B 164 8.45 -24.65 -3.92
N THR B 165 8.85 -24.15 -5.09
CA THR B 165 10.19 -23.52 -5.23
C THR B 165 10.26 -22.11 -4.69
N ASN B 166 9.29 -21.30 -5.09
CA ASN B 166 9.22 -19.88 -4.73
C ASN B 166 8.81 -19.52 -3.28
N LEU B 167 7.92 -20.29 -2.67
CA LEU B 167 7.30 -19.87 -1.40
C LEU B 167 7.71 -20.85 -0.34
N ILE B 168 7.38 -22.13 -0.54
CA ILE B 168 7.82 -23.16 0.42
C ILE B 168 9.34 -23.21 0.43
N GLY B 169 9.99 -23.07 -0.73
CA GLY B 169 11.47 -23.11 -0.79
C GLY B 169 12.03 -21.99 0.06
N ALA B 170 11.43 -20.81 -0.05
CA ALA B 170 11.90 -19.63 0.68
C ALA B 170 11.75 -19.91 2.17
N TRP B 171 10.61 -20.49 2.57
CA TRP B 171 10.38 -20.82 3.97
C TRP B 171 11.39 -21.86 4.47
N HIS B 172 11.64 -22.91 3.69
CA HIS B 172 12.73 -23.87 3.98
C HIS B 172 14.10 -23.26 4.30
N ALA B 173 14.56 -22.33 3.46
CA ALA B 173 15.78 -21.59 3.73
C ALA B 173 15.75 -20.90 5.10
N CYS B 174 14.70 -20.11 5.35
CA CYS B 174 14.52 -19.49 6.69
C CYS B 174 14.56 -20.53 7.82
N ARG B 175 13.73 -21.55 7.68
CA ARG B 175 13.64 -22.65 8.64
C ARG B 175 15.00 -23.27 8.90
N ALA B 176 15.78 -23.48 7.84
CA ALA B 176 17.13 -24.10 7.96
C ALA B 176 18.19 -23.19 8.61
N VAL B 177 18.16 -21.90 8.28
CA VAL B 177 19.23 -20.95 8.69
C VAL B 177 18.99 -20.22 10.00
N LEU B 178 17.71 -19.87 10.27
CA LEU B 178 17.39 -19.01 11.42
C LEU B 178 17.76 -19.56 12.82
N PRO B 179 17.61 -20.87 13.07
CA PRO B 179 17.94 -21.32 14.45
C PRO B 179 19.37 -21.01 14.89
N SER B 180 20.34 -21.19 14.01
CA SER B 180 21.72 -20.87 14.39
C SER B 180 21.87 -19.35 14.53
N MET B 181 21.26 -18.63 13.59
CA MET B 181 21.37 -17.19 13.60
C MET B 181 20.79 -16.61 14.90
N ILE B 182 19.63 -17.10 15.32
CA ILE B 182 19.06 -16.68 16.59
C ILE B 182 19.97 -17.08 17.75
N GLU B 183 20.47 -18.32 17.76
CA GLU B 183 21.23 -18.83 18.91
C GLU B 183 22.55 -18.09 19.12
N ARG B 184 23.22 -17.71 18.03
CA ARG B 184 24.48 -16.99 18.13
C ARG B 184 24.28 -15.60 18.77
N GLY B 185 23.10 -15.02 18.62
CA GLY B 185 22.77 -13.75 19.27
C GLY B 185 23.54 -12.54 18.74
N GLN B 186 23.98 -12.61 17.49
CA GLN B 186 24.66 -11.48 16.83
C GLN B 186 23.75 -10.75 15.83
N GLY B 187 22.49 -11.13 15.76
CA GLY B 187 21.62 -10.60 14.72
C GLY B 187 22.00 -11.11 13.34
N GLY B 188 21.53 -10.42 12.31
CA GLY B 188 21.67 -10.92 10.98
C GLY B 188 20.74 -10.21 10.01
N SER B 189 20.62 -10.81 8.85
CA SER B 189 19.87 -10.27 7.73
C SER B 189 19.25 -11.40 6.94
N VAL B 190 17.98 -11.27 6.66
CA VAL B 190 17.25 -12.15 5.76
C VAL B 190 16.71 -11.22 4.64
N ILE B 191 17.13 -11.45 3.40
CA ILE B 191 16.75 -10.62 2.26
C ILE B 191 16.03 -11.53 1.23
N PHE B 192 14.71 -11.39 1.11
CA PHE B 192 13.97 -12.10 0.06
C PHE B 192 14.09 -11.38 -1.25
N VAL B 193 14.61 -12.06 -2.28
CA VAL B 193 14.64 -11.53 -3.62
C VAL B 193 13.28 -11.84 -4.26
N SER B 194 12.44 -10.83 -4.39
CA SER B 194 11.02 -11.07 -4.73
C SER B 194 10.83 -10.44 -6.08
N SER B 195 9.77 -9.67 -6.29
CA SER B 195 9.51 -9.09 -7.62
C SER B 195 8.49 -7.99 -7.53
N THR B 196 8.41 -7.18 -8.58
CA THR B 196 7.30 -6.26 -8.68
C THR B 196 5.99 -7.01 -8.66
N VAL B 197 5.98 -8.30 -9.08
CA VAL B 197 4.73 -9.05 -9.06
C VAL B 197 4.36 -9.64 -7.68
N GLY B 198 5.17 -9.38 -6.67
CA GLY B 198 4.77 -9.59 -5.28
C GLY B 198 4.02 -8.38 -4.77
N LEU B 199 3.94 -7.32 -5.57
CA LEU B 199 3.30 -6.05 -5.14
C LEU B 199 2.20 -5.52 -6.09
N ARG B 200 1.95 -6.25 -7.15
CA ARG B 200 0.91 -5.96 -8.14
C ARG B 200 0.51 -7.27 -8.77
N GLY B 201 -0.58 -7.28 -9.51
CA GLY B 201 -1.03 -8.45 -10.24
C GLY B 201 -0.26 -8.69 -11.52
N ALA B 202 -0.35 -9.93 -12.03
CA ALA B 202 0.41 -10.33 -13.22
C ALA B 202 -0.47 -11.18 -14.09
N PRO B 203 -1.19 -10.58 -15.07
CA PRO B 203 -2.01 -11.41 -15.97
C PRO B 203 -1.18 -12.43 -16.75
N GLY B 204 -1.69 -13.66 -16.83
CA GLY B 204 -0.95 -14.75 -17.47
C GLY B 204 0.10 -15.36 -16.56
N GLN B 205 0.18 -14.90 -15.30
CA GLN B 205 1.18 -15.34 -14.34
C GLN B 205 0.64 -15.31 -12.90
N SER B 206 -0.65 -15.61 -12.73
CA SER B 206 -1.25 -15.46 -11.40
C SER B 206 -0.60 -16.33 -10.32
N HIS B 207 -0.15 -17.52 -10.68
CA HIS B 207 0.57 -18.41 -9.75
C HIS B 207 1.93 -17.82 -9.31
N TYR B 208 2.64 -17.23 -10.25
CA TYR B 208 3.93 -16.58 -9.93
C TYR B 208 3.71 -15.36 -9.02
N ALA B 209 2.73 -14.53 -9.37
CA ALA B 209 2.37 -13.37 -8.58
C ALA B 209 1.83 -13.80 -7.22
N ALA B 210 1.05 -14.88 -7.16
CA ALA B 210 0.58 -15.38 -5.85
C ALA B 210 1.73 -15.80 -4.95
N SER B 211 2.74 -16.43 -5.58
CA SER B 211 3.91 -16.94 -4.89
C SER B 211 4.76 -15.82 -4.31
N LYS B 212 5.00 -14.78 -5.08
CA LYS B 212 5.78 -13.61 -4.62
C LYS B 212 5.00 -12.68 -3.69
N HIS B 213 3.68 -12.56 -3.86
CA HIS B 213 2.83 -11.97 -2.77
C HIS B 213 2.96 -12.77 -1.45
N GLY B 214 2.96 -14.09 -1.58
CA GLY B 214 3.18 -14.95 -0.47
C GLY B 214 4.50 -14.75 0.23
N VAL B 215 5.59 -14.55 -0.55
CA VAL B 215 6.87 -14.20 -0.02
C VAL B 215 6.83 -12.91 0.83
N GLN B 216 6.15 -11.90 0.33
CA GLN B 216 5.92 -10.68 1.11
C GLN B 216 5.20 -10.96 2.44
N GLY B 217 4.24 -11.87 2.45
CA GLY B 217 3.55 -12.19 3.70
C GLY B 217 4.45 -12.87 4.72
N LEU B 218 5.29 -13.76 4.22
CA LEU B 218 6.24 -14.49 5.02
C LEU B 218 7.23 -13.47 5.60
N MET B 219 7.72 -12.59 4.72
CA MET B 219 8.65 -11.50 5.09
C MET B 219 8.15 -10.64 6.24
N LEU B 220 6.95 -10.08 6.08
CA LEU B 220 6.30 -9.28 7.10
C LEU B 220 6.07 -10.05 8.43
N SER B 221 5.64 -11.30 8.30
CA SER B 221 5.37 -12.17 9.44
C SER B 221 6.66 -12.45 10.18
N LEU B 222 7.70 -12.86 9.42
CA LEU B 222 9.04 -13.10 9.97
C LEU B 222 9.63 -11.85 10.65
N ALA B 223 9.46 -10.70 10.02
CA ALA B 223 9.93 -9.43 10.59
C ALA B 223 9.39 -9.20 12.00
N ASN B 224 8.16 -9.60 12.21
CA ASN B 224 7.55 -9.50 13.51
C ASN B 224 8.03 -10.52 14.51
N GLU B 225 8.51 -11.68 14.03
CA GLU B 225 8.99 -12.72 14.94
C GLU B 225 10.44 -12.52 15.35
N VAL B 226 11.31 -12.12 14.43
CA VAL B 226 12.70 -12.15 14.76
C VAL B 226 13.33 -10.74 14.85
N GLY B 227 12.54 -9.69 14.71
CA GLY B 227 13.05 -8.35 14.98
C GLY B 227 13.75 -8.21 16.33
N ARG B 228 13.15 -8.82 17.34
CA ARG B 228 13.61 -8.72 18.72
C ARG B 228 14.99 -9.29 18.90
N HIS B 229 15.40 -10.18 17.98
CA HIS B 229 16.70 -10.80 17.96
C HIS B 229 17.72 -9.95 17.21
N ASN B 230 17.32 -8.76 16.80
CA ASN B 230 18.11 -7.92 15.90
C ASN B 230 18.40 -8.58 14.56
N ILE B 231 17.45 -9.40 14.07
CA ILE B 231 17.51 -10.01 12.74
C ILE B 231 16.62 -9.19 11.84
N ARG B 232 17.24 -8.52 10.89
CA ARG B 232 16.54 -7.65 9.97
C ARG B 232 16.01 -8.48 8.80
N VAL B 233 14.79 -8.16 8.39
CA VAL B 233 14.06 -8.92 7.36
C VAL B 233 13.43 -7.95 6.38
N ASN B 234 13.76 -8.08 5.10
CA ASN B 234 13.29 -7.15 4.09
C ASN B 234 13.12 -7.89 2.77
N SER B 235 12.48 -7.26 1.80
CA SER B 235 12.51 -7.73 0.41
C SER B 235 13.08 -6.73 -0.57
N VAL B 236 13.78 -7.21 -1.60
CA VAL B 236 14.06 -6.43 -2.82
C VAL B 236 13.10 -6.93 -3.92
N ASN B 237 12.59 -5.99 -4.71
CA ASN B 237 11.50 -6.28 -5.64
C ASN B 237 11.87 -5.77 -7.00
N PRO B 238 12.59 -6.59 -7.78
CA PRO B 238 12.97 -6.13 -9.10
C PRO B 238 11.80 -6.25 -10.11
N GLY B 239 11.82 -5.38 -11.11
CA GLY B 239 10.95 -5.50 -12.29
C GLY B 239 11.65 -6.33 -13.33
N ALA B 240 11.57 -5.93 -14.58
CA ALA B 240 12.30 -6.63 -15.60
C ALA B 240 13.81 -6.54 -15.30
N VAL B 241 14.48 -7.69 -15.28
CA VAL B 241 15.93 -7.78 -15.06
C VAL B 241 16.59 -8.44 -16.28
N ASN B 242 17.82 -8.08 -16.55
CA ASN B 242 18.53 -8.66 -17.68
C ASN B 242 18.99 -10.09 -17.34
N THR B 243 18.07 -11.07 -17.34
CA THR B 243 18.40 -12.50 -17.17
C THR B 243 17.57 -13.34 -18.14
N GLU B 244 18.05 -14.56 -18.43
CA GLU B 244 17.31 -15.54 -19.27
C GLU B 244 15.88 -15.74 -18.76
N MET B 245 15.74 -15.94 -17.44
CA MET B 245 14.43 -16.14 -16.80
C MET B 245 13.47 -14.98 -17.01
N ALA B 246 13.97 -13.75 -16.86
CA ALA B 246 13.11 -12.59 -17.05
C ALA B 246 12.81 -12.31 -18.52
N LEU B 247 13.70 -12.78 -19.42
CA LEU B 247 13.70 -12.36 -20.84
C LEU B 247 13.49 -13.45 -21.91
N ASN B 248 13.18 -14.68 -21.51
CA ASN B 248 13.08 -15.81 -22.46
C ASN B 248 11.92 -15.68 -23.46
N GLU B 249 12.06 -16.34 -24.61
CA GLU B 249 11.13 -16.22 -25.76
C GLU B 249 9.69 -16.67 -25.52
N LYS B 250 9.49 -17.72 -24.72
CA LYS B 250 8.12 -18.19 -24.38
C LYS B 250 7.35 -17.08 -23.66
N LEU B 251 7.97 -16.51 -22.64
CA LEU B 251 7.39 -15.38 -21.90
C LEU B 251 7.15 -14.15 -22.79
N LEU B 252 8.16 -13.78 -23.60
CA LEU B 252 8.00 -12.65 -24.54
C LEU B 252 6.82 -12.86 -25.47
N LYS B 253 6.61 -14.10 -25.91
CA LYS B 253 5.49 -14.44 -26.80
C LYS B 253 4.13 -14.12 -26.16
N MET B 254 3.99 -14.46 -24.87
CA MET B 254 2.73 -14.23 -24.16
C MET B 254 2.43 -12.72 -24.14
N PHE B 255 3.48 -11.91 -23.98
CA PHE B 255 3.34 -10.43 -23.94
C PHE B 255 3.21 -9.77 -25.31
N LEU B 256 3.76 -10.41 -26.36
CA LEU B 256 3.75 -9.90 -27.75
C LEU B 256 3.17 -10.96 -28.72
N PRO B 257 1.88 -11.30 -28.54
CA PRO B 257 1.35 -12.47 -29.27
C PRO B 257 1.36 -12.31 -30.82
N HIS B 258 1.36 -11.06 -31.30
CA HIS B 258 1.46 -10.81 -32.74
C HIS B 258 2.88 -11.12 -33.32
N LEU B 259 3.82 -11.61 -32.50
CA LEU B 259 5.14 -12.06 -32.99
C LEU B 259 5.42 -13.54 -32.67
N THR B 263 12.66 -11.24 -30.18
CA THR B 263 14.11 -11.04 -30.03
C THR B 263 14.41 -10.19 -28.79
N ARG B 264 15.70 -9.93 -28.53
CA ARG B 264 16.11 -9.01 -27.44
C ARG B 264 15.53 -7.64 -27.72
N GLU B 265 15.80 -7.09 -28.92
CA GLU B 265 15.31 -5.74 -29.32
C GLU B 265 13.79 -5.62 -29.15
N ASP B 266 13.07 -6.68 -29.47
CA ASP B 266 11.63 -6.74 -29.22
C ASP B 266 11.33 -6.64 -27.72
N ALA B 267 12.10 -7.39 -26.92
CA ALA B 267 12.01 -7.28 -25.48
C ALA B 267 12.24 -5.83 -25.01
N ALA B 268 13.29 -5.18 -25.49
CA ALA B 268 13.66 -3.85 -24.97
C ALA B 268 12.66 -2.76 -25.32
N GLU B 269 12.00 -2.89 -26.46
CA GLU B 269 11.03 -1.90 -26.92
C GLU B 269 9.73 -2.01 -26.13
N LEU B 270 9.36 -3.23 -25.77
CA LEU B 270 8.20 -3.45 -24.94
C LEU B 270 8.49 -2.97 -23.50
N PHE B 271 9.52 -3.57 -22.90
CA PHE B 271 9.85 -3.34 -21.50
C PHE B 271 10.23 -1.90 -21.22
N SER B 272 10.88 -1.22 -22.15
CA SER B 272 11.16 0.22 -22.00
C SER B 272 9.92 1.05 -21.70
N GLN B 273 8.74 0.60 -22.10
CA GLN B 273 7.51 1.36 -21.84
C GLN B 273 7.08 1.28 -20.39
N LEU B 274 7.58 0.28 -19.69
CA LEU B 274 7.16 0.01 -18.35
C LEU B 274 7.99 0.83 -17.36
N THR B 275 9.25 1.10 -17.70
CA THR B 275 10.13 1.88 -16.84
C THR B 275 9.94 3.39 -17.07
N LEU B 276 10.09 4.18 -16.02
CA LEU B 276 10.07 5.63 -16.17
C LEU B 276 11.46 6.11 -16.50
N LEU B 277 12.51 5.50 -15.92
CA LEU B 277 13.88 5.81 -16.34
C LEU B 277 14.04 5.29 -17.76
N PRO B 278 15.04 5.83 -18.53
CA PRO B 278 15.22 5.49 -19.95
C PRO B 278 16.08 4.25 -20.09
N ILE B 279 15.54 3.16 -19.58
CA ILE B 279 16.20 1.84 -19.62
C ILE B 279 15.18 0.79 -19.96
N PRO B 280 15.60 -0.32 -20.56
CA PRO B 280 14.69 -1.42 -20.85
C PRO B 280 14.44 -2.33 -19.68
N TRP B 281 15.35 -2.32 -18.69
CA TRP B 281 15.34 -3.25 -17.59
C TRP B 281 16.51 -2.90 -16.68
N VAL B 282 16.49 -3.43 -15.47
CA VAL B 282 17.65 -3.30 -14.59
C VAL B 282 18.61 -4.46 -14.90
N GLU B 283 19.85 -4.33 -14.45
CA GLU B 283 20.82 -5.43 -14.52
C GLU B 283 20.76 -6.28 -13.23
N PRO B 284 21.20 -7.56 -13.28
CA PRO B 284 21.22 -8.30 -12.05
C PRO B 284 22.12 -7.65 -11.01
N GLU B 285 23.21 -7.01 -11.44
CA GLU B 285 24.09 -6.25 -10.52
C GLU B 285 23.36 -5.21 -9.70
N ASP B 286 22.26 -4.69 -10.21
CA ASP B 286 21.52 -3.61 -9.51
C ASP B 286 20.73 -4.20 -8.35
N VAL B 287 20.20 -5.41 -8.55
CA VAL B 287 19.52 -6.10 -7.51
C VAL B 287 20.54 -6.51 -6.45
N SER B 288 21.73 -6.94 -6.89
CA SER B 288 22.71 -7.43 -5.96
C SER B 288 23.25 -6.27 -5.12
N ASN B 289 23.34 -5.08 -5.71
CA ASN B 289 23.74 -3.90 -4.95
C ASN B 289 22.80 -3.56 -3.81
N ALA B 290 21.49 -3.67 -4.05
CA ALA B 290 20.48 -3.44 -3.04
C ALA B 290 20.64 -4.46 -1.91
N VAL B 291 20.82 -5.73 -2.27
CA VAL B 291 20.96 -6.81 -1.31
C VAL B 291 22.18 -6.54 -0.43
N ALA B 292 23.33 -6.24 -1.04
CA ALA B 292 24.55 -5.93 -0.31
C ALA B 292 24.45 -4.73 0.62
N TRP B 293 23.75 -3.67 0.21
CA TRP B 293 23.58 -2.50 1.07
C TRP B 293 22.73 -2.88 2.29
N LEU B 294 21.64 -3.61 2.06
CA LEU B 294 20.75 -3.97 3.16
C LEU B 294 21.46 -4.82 4.24
N ALA B 295 22.45 -5.63 3.86
CA ALA B 295 23.23 -6.44 4.79
C ALA B 295 24.28 -5.66 5.56
N SER B 296 24.49 -4.39 5.25
CA SER B 296 25.59 -3.65 5.81
C SER B 296 25.09 -2.79 6.96
N ASP B 297 26.01 -2.33 7.80
CA ASP B 297 25.71 -1.44 8.89
C ASP B 297 25.09 -0.12 8.44
N GLU B 298 25.34 0.30 7.20
CA GLU B 298 24.65 1.44 6.60
C GLU B 298 23.12 1.34 6.62
N ALA B 299 22.57 0.12 6.64
CA ALA B 299 21.13 -0.12 6.58
C ALA B 299 20.67 -0.93 7.80
N ARG B 300 21.39 -0.77 8.90
CA ARG B 300 21.24 -1.59 10.09
C ARG B 300 19.85 -1.60 10.68
N TYR B 301 19.10 -0.50 10.52
CA TYR B 301 17.76 -0.40 11.09
C TYR B 301 16.63 -0.43 10.05
N ILE B 302 16.91 -0.78 8.80
CA ILE B 302 15.89 -0.96 7.78
C ILE B 302 15.31 -2.39 8.02
N HIS B 303 14.02 -2.45 8.31
CA HIS B 303 13.33 -3.70 8.72
C HIS B 303 11.88 -3.67 8.21
N GLY B 304 11.44 -4.75 7.58
CA GLY B 304 10.07 -4.85 7.03
C GLY B 304 9.78 -4.07 5.78
N ALA B 305 10.85 -3.64 5.10
CA ALA B 305 10.74 -2.86 3.87
C ALA B 305 10.69 -3.73 2.61
N ALA B 306 9.95 -3.27 1.61
CA ALA B 306 9.95 -3.89 0.28
C ALA B 306 10.52 -2.88 -0.69
N ILE B 307 11.77 -3.06 -1.13
CA ILE B 307 12.47 -2.04 -1.95
C ILE B 307 12.40 -2.38 -3.44
N PRO B 308 11.65 -1.56 -4.21
CA PRO B 308 11.55 -1.80 -5.62
C PRO B 308 12.86 -1.46 -6.33
N VAL B 309 13.32 -2.39 -7.20
CA VAL B 309 14.49 -2.18 -8.02
C VAL B 309 14.04 -2.32 -9.48
N ASP B 310 13.41 -1.27 -9.99
CA ASP B 310 12.61 -1.37 -11.19
C ASP B 310 12.55 -0.16 -12.10
N GLY B 311 13.45 0.79 -11.90
CA GLY B 311 13.48 1.98 -12.77
C GLY B 311 12.18 2.73 -12.87
N GLY B 312 11.32 2.58 -11.85
CA GLY B 312 10.03 3.29 -11.80
C GLY B 312 8.76 2.51 -12.15
N GLN B 313 8.85 1.24 -12.48
CA GLN B 313 7.69 0.52 -12.98
C GLN B 313 6.48 0.61 -12.03
N LEU B 314 6.72 0.38 -10.76
CA LEU B 314 5.58 0.38 -9.79
C LEU B 314 5.01 1.77 -9.61
N ALA B 315 5.78 2.81 -9.78
CA ALA B 315 5.28 4.19 -9.63
C ALA B 315 4.62 4.73 -10.90
N ARG B 316 4.62 3.99 -12.01
CA ARG B 316 4.11 4.54 -13.28
C ARG B 316 2.65 4.89 -13.09
N ALA B 317 2.27 6.09 -13.54
CA ALA B 317 0.90 6.59 -13.43
C ALA B 317 0.05 5.81 -14.41
N ASN C 42 35.62 8.13 -3.68
CA ASN C 42 34.41 8.82 -3.17
C ASN C 42 33.22 8.43 -4.06
N ARG C 43 32.18 7.81 -3.50
CA ARG C 43 30.99 7.43 -4.29
C ARG C 43 30.23 8.61 -4.94
N LEU C 44 30.31 9.77 -4.30
CA LEU C 44 29.68 10.98 -4.80
C LEU C 44 30.69 12.01 -5.30
N GLN C 45 31.87 11.56 -5.70
CA GLN C 45 32.93 12.49 -6.11
C GLN C 45 32.43 13.25 -7.32
N GLY C 46 32.65 14.55 -7.33
CA GLY C 46 32.21 15.43 -8.39
C GLY C 46 30.73 15.83 -8.37
N LYS C 47 29.95 15.32 -7.40
CA LYS C 47 28.55 15.75 -7.27
C LYS C 47 28.40 16.94 -6.33
N VAL C 48 27.34 17.70 -6.57
CA VAL C 48 26.95 18.82 -5.72
C VAL C 48 25.53 18.53 -5.15
N ALA C 49 25.41 18.56 -3.83
CA ALA C 49 24.14 18.27 -3.11
C ALA C 49 23.56 19.53 -2.46
N PHE C 50 22.33 19.86 -2.82
CA PHE C 50 21.56 20.93 -2.16
C PHE C 50 20.70 20.36 -0.98
N ILE C 51 20.94 20.85 0.24
CA ILE C 51 20.32 20.30 1.48
C ILE C 51 19.62 21.41 2.22
N THR C 52 18.33 21.21 2.50
CA THR C 52 17.50 22.11 3.29
C THR C 52 17.58 21.71 4.76
N GLY C 53 17.33 22.69 5.63
CA GLY C 53 17.41 22.52 7.08
C GLY C 53 18.76 22.07 7.60
N ALA C 54 19.84 22.59 7.00
CA ALA C 54 21.17 22.08 7.21
C ALA C 54 21.92 22.62 8.43
N ALA C 55 21.38 23.59 9.17
CA ALA C 55 22.09 24.18 10.34
C ALA C 55 22.29 23.17 11.48
N ARG C 56 21.32 22.31 11.72
CA ARG C 56 21.44 21.31 12.77
C ARG C 56 20.62 20.05 12.52
N GLY C 57 20.69 19.14 13.47
CA GLY C 57 19.84 17.95 13.43
C GLY C 57 20.06 17.12 12.20
N GLN C 58 18.94 16.62 11.68
CA GLN C 58 18.91 15.74 10.56
C GLN C 58 19.59 16.35 9.29
N GLY C 59 19.32 17.63 9.03
CA GLY C 59 19.90 18.33 7.88
C GLY C 59 21.41 18.44 7.96
N ARG C 60 21.92 18.67 9.16
CA ARG C 60 23.36 18.71 9.36
C ARG C 60 23.94 17.34 9.04
N THR C 61 23.31 16.28 9.54
CA THR C 61 23.87 14.94 9.31
CA THR C 61 23.86 14.95 9.32
C THR C 61 23.89 14.62 7.81
N HIS C 62 22.86 15.07 7.06
CA HIS C 62 22.85 14.91 5.60
C HIS C 62 24.12 15.53 4.96
N ALA C 63 24.43 16.78 5.31
CA ALA C 63 25.60 17.48 4.75
C ALA C 63 26.92 16.81 5.04
N VAL C 64 27.15 16.42 6.28
CA VAL C 64 28.41 15.75 6.62
C VAL C 64 28.50 14.39 5.89
N ARG C 65 27.42 13.63 5.87
CA ARG C 65 27.45 12.27 5.29
C ARG C 65 27.71 12.30 3.79
N LEU C 66 27.03 13.18 3.07
CA LEU C 66 27.26 13.30 1.64
C LEU C 66 28.65 13.90 1.40
N ALA C 67 29.07 14.81 2.24
CA ALA C 67 30.46 15.33 2.18
C ALA C 67 31.47 14.20 2.35
N GLN C 68 31.24 13.35 3.35
CA GLN C 68 32.07 12.16 3.54
C GLN C 68 32.22 11.35 2.26
N ASP C 69 31.20 11.31 1.41
CA ASP C 69 31.27 10.54 0.17
C ASP C 69 31.87 11.30 -1.01
N GLY C 70 32.38 12.52 -0.77
CA GLY C 70 33.01 13.38 -1.78
C GLY C 70 32.13 14.49 -2.41
N ALA C 71 30.91 14.67 -1.94
CA ALA C 71 30.00 15.68 -2.51
C ALA C 71 30.28 17.05 -1.93
N ASP C 72 30.36 18.04 -2.80
CA ASP C 72 30.31 19.42 -2.35
C ASP C 72 28.86 19.79 -2.00
N ILE C 73 28.69 20.80 -1.17
CA ILE C 73 27.40 21.07 -0.52
C ILE C 73 26.94 22.50 -0.72
N VAL C 74 25.64 22.63 -1.00
CA VAL C 74 24.90 23.90 -0.92
C VAL C 74 23.89 23.68 0.25
N ALA C 75 24.00 24.50 1.27
CA ALA C 75 23.32 24.32 2.54
C ALA C 75 22.51 25.54 2.82
N ILE C 76 21.23 25.36 3.12
CA ILE C 76 20.38 26.47 3.59
C ILE C 76 19.63 26.11 4.88
N ASP C 77 19.28 27.15 5.64
CA ASP C 77 18.49 27.00 6.81
C ASP C 77 17.85 28.37 7.07
N LEU C 78 16.66 28.39 7.63
CA LEU C 78 15.99 29.64 7.96
C LEU C 78 16.80 30.38 9.04
N CYS C 79 17.48 29.62 9.90
CA CYS C 79 18.36 30.14 10.97
C CYS C 79 17.61 30.98 12.01
N ARG C 80 16.34 30.67 12.25
CA ARG C 80 15.45 31.46 13.13
C ARG C 80 14.62 30.48 14.01
N GLN C 81 14.29 30.89 15.24
CA GLN C 81 13.59 30.04 16.22
C GLN C 81 12.09 30.22 16.17
N ASN C 84 5.79 29.07 17.62
CA ASN C 84 4.80 28.07 17.25
C ASN C 84 5.29 26.59 17.33
N LEU C 85 6.60 26.43 17.51
CA LEU C 85 7.28 25.13 17.48
C LEU C 85 8.00 24.96 18.82
N ASP C 86 7.91 23.77 19.40
CA ASP C 86 8.28 23.54 20.79
C ASP C 86 9.57 22.75 20.94
N TYR C 87 10.57 23.10 20.13
CA TYR C 87 11.88 22.48 20.16
C TYR C 87 12.92 23.44 19.59
N ALA C 88 14.19 23.13 19.78
CA ALA C 88 15.30 23.97 19.27
C ALA C 88 15.40 23.86 17.74
N GLN C 89 15.51 24.99 17.04
CA GLN C 89 15.74 24.98 15.60
C GLN C 89 17.14 25.48 15.30
N GLY C 90 17.48 25.56 14.02
CA GLY C 90 18.80 26.03 13.60
C GLY C 90 19.05 27.49 13.92
N SER C 91 20.34 27.85 14.01
CA SER C 91 20.81 29.21 14.27
C SER C 91 21.94 29.52 13.29
N PRO C 92 22.32 30.79 13.15
CA PRO C 92 23.53 31.10 12.35
C PRO C 92 24.83 30.46 12.87
N GLU C 93 24.93 30.32 14.19
CA GLU C 93 26.13 29.74 14.80
C GLU C 93 26.13 28.25 14.44
N GLU C 94 24.96 27.62 14.45
CA GLU C 94 24.89 26.21 14.13
C GLU C 94 25.17 25.97 12.63
N LEU C 95 24.73 26.90 11.76
CA LEU C 95 25.08 26.77 10.30
C LEU C 95 26.60 26.89 10.10
N LYS C 96 27.23 27.78 10.86
CA LYS C 96 28.69 27.94 10.79
C LYS C 96 29.37 26.65 11.22
N GLU C 97 28.77 25.89 12.15
CA GLU C 97 29.37 24.60 12.50
C GLU C 97 29.21 23.55 11.39
N THR C 98 28.06 23.52 10.74
CA THR C 98 27.88 22.70 9.55
C THR C 98 28.95 22.99 8.50
N VAL C 99 29.22 24.27 8.26
CA VAL C 99 30.28 24.65 7.33
C VAL C 99 31.64 24.07 7.77
N ARG C 100 32.03 24.30 9.02
CA ARG C 100 33.29 23.75 9.54
CA ARG C 100 33.28 23.76 9.55
C ARG C 100 33.38 22.24 9.34
N LEU C 101 32.29 21.54 9.64
CA LEU C 101 32.25 20.09 9.55
C LEU C 101 32.36 19.58 8.12
N VAL C 102 31.82 20.32 7.18
CA VAL C 102 31.92 19.89 5.79
C VAL C 102 33.32 20.25 5.26
N GLU C 103 33.81 21.44 5.56
CA GLU C 103 35.16 21.80 5.18
C GLU C 103 36.22 20.89 5.83
N GLU C 104 35.90 20.27 6.96
CA GLU C 104 36.84 19.37 7.67
C GLU C 104 37.00 18.10 6.79
N GLN C 105 35.94 17.71 6.09
CA GLN C 105 36.00 16.57 5.16
C GLN C 105 36.72 16.87 3.82
N GLY C 106 37.36 18.02 3.70
CA GLY C 106 38.05 18.40 2.46
C GLY C 106 37.14 18.89 1.31
N ARG C 107 35.86 19.19 1.60
CA ARG C 107 34.90 19.59 0.55
C ARG C 107 34.66 21.10 0.52
N ARG C 108 34.05 21.57 -0.57
CA ARG C 108 33.55 22.96 -0.71
C ARG C 108 32.08 23.06 -0.27
N ILE C 109 31.70 24.17 0.35
CA ILE C 109 30.31 24.40 0.78
C ILE C 109 29.87 25.86 0.64
N ILE C 110 28.65 26.06 0.14
CA ILE C 110 27.96 27.37 0.18
C ILE C 110 26.83 27.20 1.15
N ALA C 111 26.84 27.99 2.21
CA ALA C 111 25.82 27.94 3.24
C ALA C 111 25.18 29.30 3.30
N ARG C 112 23.84 29.33 3.15
CA ARG C 112 23.09 30.58 3.19
C ARG C 112 21.82 30.46 4.04
N GLN C 113 21.53 31.52 4.80
CA GLN C 113 20.22 31.76 5.35
C GLN C 113 19.28 31.85 4.17
N ALA C 114 18.26 31.00 4.11
CA ALA C 114 17.20 31.10 3.11
C ALA C 114 15.91 30.50 3.68
N ASP C 115 14.78 30.77 3.01
CA ASP C 115 13.44 30.39 3.47
C ASP C 115 12.74 29.53 2.39
N VAL C 116 12.64 28.21 2.63
CA VAL C 116 11.97 27.32 1.68
C VAL C 116 10.53 27.72 1.40
N ARG C 117 9.89 28.49 2.30
CA ARG C 117 8.53 28.95 2.06
C ARG C 117 8.46 30.02 0.92
N ASP C 118 9.62 30.48 0.45
CA ASP C 118 9.71 31.65 -0.40
C ASP C 118 10.59 31.32 -1.60
N LEU C 119 9.95 31.16 -2.75
CA LEU C 119 10.60 30.67 -3.97
C LEU C 119 11.78 31.51 -4.37
N ALA C 120 11.58 32.84 -4.37
CA ALA C 120 12.60 33.75 -4.74
C ALA C 120 13.80 33.59 -3.82
N SER C 121 13.57 33.35 -2.54
CA SER C 121 14.68 33.21 -1.59
C SER C 121 15.52 31.98 -2.00
N LEU C 122 14.87 30.89 -2.41
CA LEU C 122 15.59 29.70 -2.83
C LEU C 122 16.31 29.90 -4.12
N GLN C 123 15.66 30.57 -5.11
CA GLN C 123 16.23 30.76 -6.43
C GLN C 123 17.52 31.54 -6.33
N ALA C 124 17.56 32.56 -5.47
CA ALA C 124 18.76 33.32 -5.22
C ALA C 124 19.97 32.43 -4.87
N VAL C 125 19.79 31.51 -3.93
CA VAL C 125 20.86 30.59 -3.55
C VAL C 125 21.23 29.58 -4.65
N VAL C 126 20.22 29.04 -5.32
CA VAL C 126 20.48 28.16 -6.48
C VAL C 126 21.33 28.90 -7.51
N ASP C 127 20.94 30.14 -7.82
CA ASP C 127 21.72 30.92 -8.76
C ASP C 127 23.17 31.07 -8.36
N GLU C 128 23.40 31.32 -7.06
CA GLU C 128 24.79 31.41 -6.57
C GLU C 128 25.53 30.08 -6.67
N ALA C 129 24.91 29.01 -6.22
CA ALA C 129 25.55 27.72 -6.30
C ALA C 129 25.99 27.44 -7.72
N LEU C 130 25.09 27.68 -8.67
CA LEU C 130 25.32 27.35 -10.05
C LEU C 130 26.47 28.18 -10.62
N ALA C 131 26.47 29.49 -10.35
CA ALA C 131 27.65 30.29 -10.70
C ALA C 131 28.96 29.77 -10.10
N GLU C 132 28.98 29.32 -8.83
CA GLU C 132 30.25 28.88 -8.25
C GLU C 132 30.57 27.42 -8.59
N PHE C 133 29.59 26.54 -8.53
CA PHE C 133 29.83 25.09 -8.70
C PHE C 133 29.49 24.52 -10.10
N GLY C 134 28.73 25.24 -10.91
CA GLY C 134 28.32 24.78 -12.24
C GLY C 134 27.10 23.84 -12.29
N HIS C 135 26.85 23.09 -11.24
CA HIS C 135 25.79 22.15 -11.27
C HIS C 135 25.29 21.79 -9.89
N ILE C 136 24.02 21.37 -9.83
CA ILE C 136 23.41 20.74 -8.67
C ILE C 136 22.91 19.35 -9.09
N ASP C 137 23.43 18.31 -8.47
CA ASP C 137 23.11 16.92 -8.85
C ASP C 137 22.18 16.16 -7.90
N ILE C 138 22.16 16.58 -6.65
CA ILE C 138 21.41 15.91 -5.63
C ILE C 138 20.60 16.98 -4.90
N LEU C 139 19.28 16.78 -4.81
CA LEU C 139 18.41 17.60 -3.97
C LEU C 139 17.87 16.81 -2.77
N VAL C 140 18.11 17.29 -1.56
CA VAL C 140 17.64 16.64 -0.34
C VAL C 140 16.64 17.60 0.32
N SER C 141 15.36 17.28 0.19
CA SER C 141 14.28 18.11 0.70
C SER C 141 14.02 17.55 2.07
N ASN C 142 14.63 18.20 3.03
CA ASN C 142 14.64 17.75 4.39
C ASN C 142 13.33 18.04 5.17
N VAL C 143 13.37 17.90 6.48
CA VAL C 143 12.28 17.26 7.23
C VAL C 143 11.09 18.17 7.66
N GLY C 144 11.30 19.49 7.72
CA GLY C 144 10.23 20.41 7.94
C GLY C 144 9.91 20.60 9.40
N ILE C 145 8.64 20.82 9.70
CA ILE C 145 8.19 21.23 11.03
C ILE C 145 6.91 20.52 11.42
N SER C 146 6.65 20.50 12.73
CA SER C 146 5.44 19.91 13.28
CA SER C 146 5.45 19.89 13.28
C SER C 146 5.06 20.51 14.63
N ASN C 147 3.77 20.45 14.93
CA ASN C 147 3.19 20.80 16.22
C ASN C 147 1.90 19.95 16.34
N GLN C 148 1.12 20.11 17.38
CA GLN C 148 0.13 19.09 17.72
C GLN C 148 -1.27 19.60 17.89
N GLY C 149 -2.19 18.69 17.65
CA GLY C 149 -3.59 18.91 18.04
C GLY C 149 -4.50 17.96 17.29
N GLU C 150 -5.67 17.72 17.86
CA GLU C 150 -6.70 16.90 17.26
C GLU C 150 -7.44 17.63 16.12
N VAL C 151 -8.06 16.85 15.26
CA VAL C 151 -8.84 17.44 14.17
C VAL C 151 -9.76 18.55 14.60
N VAL C 152 -10.50 18.37 15.70
CA VAL C 152 -11.44 19.41 16.13
C VAL C 152 -10.77 20.61 16.81
N SER C 153 -9.46 20.53 17.07
CA SER C 153 -8.74 21.52 17.87
C SER C 153 -7.65 22.29 17.12
N LEU C 154 -7.18 21.71 16.02
CA LEU C 154 -6.18 22.37 15.18
C LEU C 154 -6.72 23.73 14.72
N THR C 155 -5.80 24.65 14.46
CA THR C 155 -6.16 25.95 13.93
C THR C 155 -5.77 26.12 12.45
N ASP C 156 -6.43 27.07 11.81
CA ASP C 156 -6.03 27.47 10.48
C ASP C 156 -4.51 27.74 10.45
N GLN C 157 -3.99 28.49 11.44
CA GLN C 157 -2.57 28.82 11.46
C GLN C 157 -1.73 27.54 11.43
N GLN C 158 -2.12 26.53 12.20
CA GLN C 158 -1.36 25.28 12.22
C GLN C 158 -1.34 24.55 10.89
N TRP C 159 -2.50 24.45 10.23
CA TRP C 159 -2.56 23.92 8.87
C TRP C 159 -1.73 24.70 7.87
N SER C 160 -1.95 26.02 7.84
CA SER C 160 -1.22 26.90 6.93
C SER C 160 0.31 26.76 7.08
N ASP C 161 0.80 26.87 8.31
CA ASP C 161 2.24 26.75 8.60
C ASP C 161 2.82 25.39 8.16
N ILE C 162 2.18 24.32 8.58
CA ILE C 162 2.74 22.99 8.34
C ILE C 162 2.74 22.69 6.85
N LEU C 163 1.70 23.07 6.11
CA LEU C 163 1.66 22.82 4.67
C LEU C 163 2.64 23.68 3.92
N GLN C 164 2.71 24.95 4.30
CA GLN C 164 3.61 25.87 3.64
C GLN C 164 5.06 25.45 3.76
N THR C 165 5.47 25.02 4.97
CA THR C 165 6.83 24.60 5.18
C THR C 165 7.09 23.20 4.61
N ASN C 166 6.25 22.25 4.98
CA ASN C 166 6.52 20.85 4.65
C ASN C 166 6.17 20.45 3.22
N LEU C 167 5.13 21.03 2.65
CA LEU C 167 4.68 20.60 1.29
C LEU C 167 5.02 21.62 0.21
N ILE C 168 4.50 22.84 0.36
CA ILE C 168 4.87 23.88 -0.57
C ILE C 168 6.36 24.10 -0.56
N GLY C 169 6.99 24.05 0.61
CA GLY C 169 8.43 24.25 0.68
C GLY C 169 9.24 23.17 -0.07
N ALA C 170 8.81 21.91 0.01
CA ALA C 170 9.45 20.83 -0.73
C ALA C 170 9.26 21.06 -2.25
N TRP C 171 8.06 21.45 -2.64
CA TRP C 171 7.83 21.75 -4.03
C TRP C 171 8.73 22.89 -4.52
N HIS C 172 8.86 23.95 -3.70
CA HIS C 172 9.73 25.10 -4.05
C HIS C 172 11.20 24.68 -4.31
N ALA C 173 11.72 23.81 -3.46
CA ALA C 173 13.10 23.31 -3.63
C ALA C 173 13.22 22.60 -4.98
N CYS C 174 12.20 21.80 -5.28
CA CYS C 174 12.09 21.13 -6.59
C CYS C 174 12.04 22.12 -7.75
N ARG C 175 11.10 23.04 -7.69
CA ARG C 175 10.95 24.08 -8.70
C ARG C 175 12.22 24.91 -8.92
N ALA C 176 12.95 25.20 -7.85
CA ALA C 176 14.19 25.95 -7.91
C ALA C 176 15.39 25.21 -8.54
N VAL C 177 15.53 23.91 -8.29
CA VAL C 177 16.71 23.10 -8.66
C VAL C 177 16.59 22.34 -9.97
N LEU C 178 15.40 21.81 -10.21
CA LEU C 178 15.17 20.90 -11.35
C LEU C 178 15.47 21.52 -12.75
N PRO C 179 15.10 22.78 -13.02
CA PRO C 179 15.40 23.31 -14.36
C PRO C 179 16.85 23.15 -14.79
N SER C 180 17.78 23.41 -13.86
CA SER C 180 19.22 23.31 -14.14
C SER C 180 19.65 21.84 -14.18
N MET C 181 19.07 21.02 -13.33
CA MET C 181 19.30 19.59 -13.39
C MET C 181 18.87 18.99 -14.73
N ILE C 182 17.71 19.42 -15.27
CA ILE C 182 17.20 18.88 -16.53
C ILE C 182 18.12 19.40 -17.67
N GLU C 183 18.50 20.68 -17.59
CA GLU C 183 19.30 21.30 -18.63
C GLU C 183 20.73 20.75 -18.73
N ARG C 184 21.35 20.49 -17.59
CA ARG C 184 22.71 19.95 -17.50
C ARG C 184 22.83 18.58 -18.22
N GLY C 185 21.76 17.79 -18.21
CA GLY C 185 21.64 16.57 -19.04
C GLY C 185 22.39 15.34 -18.55
N GLN C 186 22.87 15.41 -17.31
CA GLN C 186 23.56 14.31 -16.67
C GLN C 186 22.70 13.59 -15.61
N GLY C 187 21.38 13.75 -15.65
CA GLY C 187 20.54 13.16 -14.60
C GLY C 187 20.83 13.72 -13.20
N GLY C 188 20.43 12.99 -12.17
CA GLY C 188 20.61 13.40 -10.78
C GLY C 188 19.62 12.71 -9.84
N SER C 189 19.49 13.24 -8.63
CA SER C 189 18.64 12.59 -7.62
C SER C 189 17.83 13.59 -6.83
N VAL C 190 16.54 13.30 -6.62
CA VAL C 190 15.73 14.07 -5.70
C VAL C 190 15.29 13.11 -4.63
N ILE C 191 15.77 13.38 -3.42
CA ILE C 191 15.40 12.62 -2.22
C ILE C 191 14.51 13.43 -1.27
N PHE C 192 13.30 12.98 -1.08
CA PHE C 192 12.37 13.64 -0.14
C PHE C 192 12.52 12.97 1.23
N VAL C 193 12.90 13.76 2.26
CA VAL C 193 12.95 13.25 3.62
C VAL C 193 11.55 13.45 4.23
N SER C 194 10.84 12.34 4.28
CA SER C 194 9.43 12.31 4.64
C SER C 194 9.32 11.65 6.00
N SER C 195 8.39 10.71 6.18
CA SER C 195 8.12 10.18 7.52
C SER C 195 7.21 8.99 7.40
N THR C 196 7.27 8.13 8.39
CA THR C 196 6.24 7.10 8.54
C THR C 196 4.84 7.72 8.52
N VAL C 197 4.66 8.98 8.93
CA VAL C 197 3.34 9.55 8.92
C VAL C 197 2.96 10.06 7.53
N GLY C 198 3.83 9.84 6.55
CA GLY C 198 3.48 10.01 5.14
C GLY C 198 2.78 8.77 4.61
N LEU C 199 2.86 7.66 5.34
CA LEU C 199 2.36 6.38 4.89
C LEU C 199 1.34 5.76 5.85
N ARG C 200 0.97 6.46 6.92
CA ARG C 200 0.00 5.97 7.93
C ARG C 200 -0.61 7.18 8.64
N GLY C 201 -1.71 6.98 9.35
CA GLY C 201 -2.29 8.07 10.09
C GLY C 201 -1.51 8.45 11.32
N ALA C 202 -1.72 9.65 11.82
CA ALA C 202 -1.08 10.09 13.10
C ALA C 202 -2.10 10.89 13.91
N PRO C 203 -2.79 10.20 14.86
CA PRO C 203 -3.75 10.95 15.67
C PRO C 203 -3.04 12.02 16.48
N GLY C 204 -3.67 13.19 16.57
CA GLY C 204 -3.12 14.37 17.20
C GLY C 204 -2.16 15.14 16.32
N GLN C 205 -1.91 14.65 15.11
CA GLN C 205 -0.96 15.25 14.15
C GLN C 205 -1.49 15.17 12.69
N SER C 206 -2.79 15.37 12.51
CA SER C 206 -3.41 15.14 11.21
C SER C 206 -2.87 16.06 10.13
N HIS C 207 -2.60 17.30 10.50
CA HIS C 207 -2.01 18.26 9.55
C HIS C 207 -0.60 17.85 9.11
N TYR C 208 0.21 17.39 10.08
CA TYR C 208 1.56 16.93 9.80
C TYR C 208 1.54 15.70 8.89
N ALA C 209 0.66 14.74 9.20
CA ALA C 209 0.54 13.52 8.39
C ALA C 209 -0.03 13.90 7.01
N ALA C 210 -1.00 14.82 6.96
CA ALA C 210 -1.53 15.29 5.65
C ALA C 210 -0.38 15.90 4.81
N SER C 211 0.51 16.64 5.47
CA SER C 211 1.62 17.27 4.75
C SER C 211 2.62 16.25 4.17
N LYS C 212 2.93 15.19 4.90
CA LYS C 212 3.95 14.24 4.44
C LYS C 212 3.29 13.22 3.50
N HIS C 213 2.00 12.95 3.67
CA HIS C 213 1.25 12.26 2.65
C HIS C 213 1.31 13.09 1.39
N GLY C 214 1.17 14.39 1.54
CA GLY C 214 1.23 15.22 0.34
C GLY C 214 2.58 15.13 -0.31
N VAL C 215 3.63 15.04 0.50
CA VAL C 215 5.00 14.90 -0.06
C VAL C 215 5.17 13.62 -0.90
N GLN C 216 4.54 12.53 -0.45
CA GLN C 216 4.57 11.28 -1.21
C GLN C 216 3.85 11.43 -2.58
N GLY C 217 2.73 12.16 -2.59
CA GLY C 217 2.01 12.47 -3.83
C GLY C 217 2.84 13.28 -4.80
N LEU C 218 3.51 14.30 -4.26
CA LEU C 218 4.47 15.06 -5.02
C LEU C 218 5.59 14.18 -5.61
N MET C 219 6.23 13.38 -4.74
CA MET C 219 7.26 12.44 -5.13
C MET C 219 6.84 11.55 -6.30
N LEU C 220 5.73 10.84 -6.14
CA LEU C 220 5.26 9.92 -7.17
C LEU C 220 4.96 10.67 -8.45
N SER C 221 4.37 11.87 -8.34
CA SER C 221 4.05 12.66 -9.55
C SER C 221 5.33 13.10 -10.26
N LEU C 222 6.29 13.62 -9.47
CA LEU C 222 7.59 14.03 -9.98
C LEU C 222 8.32 12.87 -10.67
N ALA C 223 8.22 11.67 -10.10
CA ALA C 223 8.95 10.53 -10.65
C ALA C 223 8.46 10.26 -12.10
N ASN C 224 7.17 10.47 -12.29
CA ASN C 224 6.56 10.31 -13.62
C ASN C 224 6.92 11.42 -14.62
N GLU C 225 7.30 12.61 -14.12
CA GLU C 225 7.66 13.71 -15.01
C GLU C 225 9.13 13.73 -15.44
N VAL C 226 10.03 13.37 -14.53
CA VAL C 226 11.45 13.61 -14.74
C VAL C 226 12.24 12.32 -14.82
N GLY C 227 11.60 11.17 -14.64
CA GLY C 227 12.24 9.90 -14.93
C GLY C 227 12.96 9.93 -16.26
N ARG C 228 12.23 10.41 -17.27
CA ARG C 228 12.71 10.44 -18.63
C ARG C 228 14.09 11.09 -18.73
N HIS C 229 14.40 11.99 -17.79
CA HIS C 229 15.67 12.72 -17.75
C HIS C 229 16.76 12.02 -16.96
N ASN C 230 16.48 10.79 -16.49
CA ASN C 230 17.38 10.09 -15.58
C ASN C 230 17.59 10.81 -14.24
N ILE C 231 16.54 11.49 -13.80
CA ILE C 231 16.51 12.11 -12.50
C ILE C 231 15.66 11.19 -11.68
N ARG C 232 16.29 10.51 -10.73
CA ARG C 232 15.64 9.59 -9.85
C ARG C 232 15.01 10.30 -8.65
N VAL C 233 13.79 9.93 -8.28
CA VAL C 233 13.00 10.62 -7.27
C VAL C 233 12.48 9.55 -6.37
N ASN C 234 12.77 9.68 -5.09
CA ASN C 234 12.46 8.68 -4.05
C ASN C 234 12.18 9.38 -2.70
N SER C 235 11.55 8.68 -1.74
CA SER C 235 11.50 9.21 -0.35
C SER C 235 12.24 8.28 0.62
N VAL C 236 12.74 8.86 1.70
CA VAL C 236 13.10 8.11 2.89
C VAL C 236 12.06 8.52 4.00
N ASN C 237 11.63 7.52 4.77
CA ASN C 237 10.47 7.66 5.64
C ASN C 237 10.84 7.22 7.04
N PRO C 238 11.51 8.11 7.79
CA PRO C 238 11.91 7.72 9.15
C PRO C 238 10.73 7.65 10.11
N GLY C 239 10.81 6.74 11.10
CA GLY C 239 9.86 6.69 12.22
C GLY C 239 10.45 7.59 13.33
N ALA C 240 10.43 7.15 14.58
CA ALA C 240 11.04 7.96 15.64
C ALA C 240 12.55 8.01 15.35
N VAL C 241 13.09 9.22 15.45
CA VAL C 241 14.49 9.54 15.19
C VAL C 241 15.07 10.27 16.42
N ASN C 242 16.36 10.10 16.71
CA ASN C 242 17.03 10.79 17.80
C ASN C 242 17.35 12.24 17.45
N THR C 243 16.33 13.09 17.42
CA THR C 243 16.54 14.53 17.26
C THR C 243 15.67 15.30 18.29
N GLU C 244 16.03 16.57 18.51
CA GLU C 244 15.22 17.45 19.34
C GLU C 244 13.80 17.62 18.75
N MET C 245 13.66 17.72 17.42
CA MET C 245 12.33 17.76 16.83
C MET C 245 11.45 16.54 17.13
N ALA C 246 12.02 15.33 16.99
CA ALA C 246 11.25 14.09 17.21
C ALA C 246 10.96 13.78 18.68
N LEU C 247 11.83 14.26 19.59
CA LEU C 247 11.77 13.84 20.97
C LEU C 247 11.37 14.98 21.93
N ASN C 248 10.81 16.08 21.41
CA ASN C 248 10.59 17.28 22.24
C ASN C 248 9.51 17.00 23.28
N GLU C 249 9.64 17.63 24.44
CA GLU C 249 8.76 17.41 25.61
C GLU C 249 7.29 17.63 25.31
N LYS C 250 6.98 18.66 24.53
CA LYS C 250 5.58 18.96 24.14
C LYS C 250 4.90 17.81 23.42
N LEU C 251 5.61 17.24 22.46
CA LEU C 251 5.15 16.07 21.71
C LEU C 251 5.04 14.88 22.62
N LEU C 252 6.09 14.59 23.40
CA LEU C 252 6.01 13.50 24.40
C LEU C 252 4.77 13.63 25.32
N LYS C 253 4.44 14.84 25.74
CA LYS C 253 3.28 15.06 26.60
C LYS C 253 1.98 14.66 25.93
N MET C 254 1.90 14.82 24.61
CA MET C 254 0.67 14.45 23.93
C MET C 254 0.46 12.95 24.03
N PHE C 255 1.53 12.18 23.82
CA PHE C 255 1.48 10.71 23.90
C PHE C 255 1.47 10.23 25.35
N LEU C 256 1.97 11.04 26.29
CA LEU C 256 2.04 10.67 27.73
C LEU C 256 1.44 11.77 28.63
N PRO C 257 0.12 12.05 28.50
CA PRO C 257 -0.54 13.22 29.12
C PRO C 257 -0.63 13.17 30.65
N HIS C 258 -0.47 11.98 31.21
CA HIS C 258 -0.41 11.76 32.66
C HIS C 258 0.92 12.21 33.32
N LEU C 259 2.01 12.28 32.58
CA LEU C 259 3.32 12.60 33.15
C LEU C 259 3.58 14.12 33.16
N GLU C 260 4.13 14.64 34.26
CA GLU C 260 4.34 16.08 34.34
C GLU C 260 5.52 16.59 33.54
N ASN C 261 6.61 15.83 33.50
CA ASN C 261 7.77 16.23 32.67
C ASN C 261 8.41 15.03 32.06
N PRO C 262 7.86 14.56 30.95
CA PRO C 262 8.35 13.28 30.48
C PRO C 262 9.80 13.41 30.05
N THR C 263 10.59 12.38 30.35
CA THR C 263 12.01 12.42 30.08
C THR C 263 12.35 11.61 28.82
N ARG C 264 13.63 11.69 28.44
CA ARG C 264 14.21 10.91 27.37
C ARG C 264 14.05 9.42 27.65
N GLU C 265 14.25 9.00 28.89
CA GLU C 265 13.91 7.62 29.30
C GLU C 265 12.42 7.27 29.12
N ASP C 266 11.51 8.18 29.43
CA ASP C 266 10.11 7.92 29.20
C ASP C 266 9.87 7.72 27.69
N ALA C 267 10.52 8.58 26.88
CA ALA C 267 10.38 8.51 25.42
C ALA C 267 10.85 7.15 24.90
N ALA C 268 12.03 6.72 25.37
CA ALA C 268 12.60 5.41 24.99
C ALA C 268 11.63 4.27 25.29
N GLU C 269 10.99 4.32 26.45
CA GLU C 269 9.99 3.31 26.86
C GLU C 269 8.73 3.33 25.96
N LEU C 270 8.28 4.53 25.56
CA LEU C 270 7.12 4.67 24.66
C LEU C 270 7.48 4.14 23.28
N PHE C 271 8.53 4.70 22.69
CA PHE C 271 8.81 4.44 21.27
C PHE C 271 9.42 3.07 21.00
N SER C 272 10.17 2.53 21.94
CA SER C 272 10.58 1.12 21.87
C SER C 272 9.48 0.10 21.53
N GLN C 273 8.24 0.40 21.87
CA GLN C 273 7.11 -0.52 21.62
C GLN C 273 6.62 -0.45 20.20
N LEU C 274 7.10 0.53 19.46
CA LEU C 274 6.65 0.74 18.12
C LEU C 274 7.62 0.09 17.14
N THR C 275 8.90 -0.02 17.52
CA THR C 275 9.88 -0.67 16.65
C THR C 275 9.89 -2.17 16.94
N LEU C 276 10.20 -2.94 15.89
CA LEU C 276 10.37 -4.38 16.03
C LEU C 276 11.80 -4.68 16.48
N LEU C 277 12.78 -4.00 15.91
CA LEU C 277 14.19 -4.12 16.35
C LEU C 277 14.30 -3.62 17.80
N PRO C 278 15.33 -4.08 18.54
CA PRO C 278 15.43 -3.70 19.95
C PRO C 278 16.00 -2.27 20.10
N ILE C 279 15.29 -1.28 19.58
CA ILE C 279 15.75 0.10 19.58
C ILE C 279 14.62 1.03 19.90
N PRO C 280 14.95 2.19 20.47
CA PRO C 280 13.86 3.12 20.81
C PRO C 280 13.55 4.06 19.65
N TRP C 281 14.52 4.19 18.74
CA TRP C 281 14.41 5.04 17.59
C TRP C 281 15.68 4.87 16.76
N VAL C 282 15.66 5.36 15.53
CA VAL C 282 16.87 5.35 14.72
C VAL C 282 17.64 6.64 14.97
N GLU C 283 18.88 6.70 14.46
CA GLU C 283 19.69 7.90 14.57
C GLU C 283 19.53 8.74 13.29
N PRO C 284 19.89 10.05 13.35
CA PRO C 284 19.84 10.85 12.12
C PRO C 284 20.79 10.29 11.05
N GLU C 285 21.90 9.74 11.49
CA GLU C 285 22.86 9.09 10.62
C GLU C 285 22.27 7.94 9.81
N ASP C 286 21.36 7.17 10.40
CA ASP C 286 20.68 6.07 9.66
C ASP C 286 19.87 6.63 8.50
N VAL C 287 19.22 7.77 8.73
CA VAL C 287 18.44 8.44 7.69
C VAL C 287 19.40 8.99 6.63
N SER C 288 20.48 9.63 7.08
CA SER C 288 21.46 10.14 6.12
C SER C 288 22.18 9.06 5.30
N ASN C 289 22.47 7.93 5.90
CA ASN C 289 23.03 6.79 5.15
C ASN C 289 22.13 6.35 3.97
N ALA C 290 20.83 6.30 4.21
CA ALA C 290 19.86 5.93 3.16
C ALA C 290 19.86 6.99 2.04
N VAL C 291 19.88 8.25 2.44
CA VAL C 291 19.96 9.33 1.48
C VAL C 291 21.25 9.18 0.63
N ALA C 292 22.38 8.90 1.27
CA ALA C 292 23.66 8.85 0.57
C ALA C 292 23.68 7.67 -0.38
N TRP C 293 23.04 6.54 0.01
CA TRP C 293 23.00 5.39 -0.86
C TRP C 293 22.15 5.66 -2.12
N LEU C 294 20.96 6.23 -1.94
CA LEU C 294 20.10 6.58 -3.05
C LEU C 294 20.78 7.47 -4.10
N ALA C 295 21.68 8.35 -3.66
CA ALA C 295 22.40 9.28 -4.50
C ALA C 295 23.56 8.62 -5.29
N SER C 296 23.92 7.40 -4.93
CA SER C 296 25.07 6.72 -5.47
C SER C 296 24.70 5.84 -6.64
N ASP C 297 25.69 5.51 -7.48
CA ASP C 297 25.49 4.64 -8.63
C ASP C 297 24.97 3.26 -8.21
N GLU C 298 25.26 2.86 -6.97
CA GLU C 298 24.78 1.58 -6.43
C GLU C 298 23.27 1.50 -6.51
N ALA C 299 22.60 2.67 -6.55
CA ALA C 299 21.14 2.75 -6.46
C ALA C 299 20.56 3.47 -7.67
N ARG C 300 21.32 3.45 -8.74
CA ARG C 300 21.07 4.22 -9.96
C ARG C 300 19.69 4.03 -10.60
N TYR C 301 19.08 2.85 -10.44
CA TYR C 301 17.79 2.56 -11.04
C TYR C 301 16.65 2.48 -10.01
N ILE C 302 16.90 2.84 -8.75
CA ILE C 302 15.85 2.95 -7.73
C ILE C 302 15.13 4.28 -8.03
N HIS C 303 13.81 4.20 -8.24
CA HIS C 303 12.94 5.32 -8.67
C HIS C 303 11.47 5.06 -8.23
N GLY C 304 10.83 6.01 -7.55
CA GLY C 304 9.47 5.81 -7.09
C GLY C 304 9.33 5.09 -5.77
N ALA C 305 10.45 4.88 -5.08
CA ALA C 305 10.47 4.19 -3.80
C ALA C 305 10.27 5.11 -2.65
N ALA C 306 9.60 4.56 -1.63
CA ALA C 306 9.53 5.09 -0.27
C ALA C 306 10.20 4.10 0.72
N ILE C 307 11.35 4.45 1.27
CA ILE C 307 12.14 3.46 2.01
C ILE C 307 11.97 3.80 3.48
N PRO C 308 11.26 2.95 4.24
CA PRO C 308 11.12 3.29 5.66
C PRO C 308 12.41 3.05 6.40
N VAL C 309 12.80 3.99 7.24
CA VAL C 309 13.99 3.85 8.10
C VAL C 309 13.47 3.94 9.52
N ASP C 310 12.99 2.81 10.04
CA ASP C 310 12.06 2.82 11.21
C ASP C 310 12.13 1.63 12.13
N GLY C 311 13.13 0.74 11.95
CA GLY C 311 13.24 -0.46 12.76
C GLY C 311 11.98 -1.31 12.80
N GLY C 312 11.19 -1.27 11.72
CA GLY C 312 9.98 -2.12 11.62
C GLY C 312 8.64 -1.53 12.01
N GLN C 313 8.62 -0.28 12.52
CA GLN C 313 7.35 0.38 12.90
C GLN C 313 6.22 0.16 11.91
N LEU C 314 6.46 0.39 10.62
CA LEU C 314 5.40 0.28 9.57
C LEU C 314 5.03 -1.19 9.28
N ALA C 315 5.91 -2.11 9.67
CA ALA C 315 5.60 -3.53 9.50
C ALA C 315 4.98 -4.20 10.73
N ARG C 316 4.85 -3.46 11.83
CA ARG C 316 4.39 -4.00 13.11
CA ARG C 316 4.40 -4.07 13.10
C ARG C 316 2.97 -4.51 12.93
N ALA C 317 2.74 -5.77 13.28
CA ALA C 317 1.46 -6.45 13.10
C ALA C 317 0.40 -5.80 13.95
N ASN D 42 -34.76 2.89 2.35
CA ASN D 42 -34.90 3.68 3.60
C ASN D 42 -33.77 3.38 4.57
N ARG D 43 -32.61 2.99 4.02
CA ARG D 43 -31.43 2.68 4.84
C ARG D 43 -30.90 3.84 5.72
N LEU D 44 -31.25 5.08 5.38
CA LEU D 44 -30.74 6.24 6.12
C LEU D 44 -31.85 7.07 6.78
N GLN D 45 -33.00 6.45 7.01
CA GLN D 45 -34.14 7.12 7.65
C GLN D 45 -33.71 7.69 8.98
N GLY D 46 -34.09 8.95 9.19
CA GLY D 46 -33.78 9.68 10.40
C GLY D 46 -32.41 10.35 10.42
N LYS D 47 -31.58 10.15 9.39
CA LYS D 47 -30.23 10.76 9.36
C LYS D 47 -30.22 12.05 8.57
N VAL D 48 -29.19 12.85 8.83
CA VAL D 48 -28.97 14.13 8.17
C VAL D 48 -27.54 14.11 7.58
N ALA D 49 -27.43 14.42 6.30
CA ALA D 49 -26.13 14.43 5.59
C ALA D 49 -25.75 15.83 5.14
N PHE D 50 -24.53 16.24 5.46
CA PHE D 50 -23.94 17.50 5.09
C PHE D 50 -23.05 17.21 3.88
N ILE D 51 -23.35 17.85 2.76
CA ILE D 51 -22.66 17.58 1.46
C ILE D 51 -22.08 18.89 0.92
N THR D 52 -20.81 18.87 0.53
CA THR D 52 -20.12 20.00 -0.11
C THR D 52 -20.15 19.84 -1.62
N GLY D 53 -19.86 20.93 -2.34
CA GLY D 53 -20.05 21.08 -3.79
C GLY D 53 -21.32 20.46 -4.35
N ALA D 54 -22.45 20.78 -3.72
CA ALA D 54 -23.73 20.13 -4.01
C ALA D 54 -24.53 20.75 -5.13
N ALA D 55 -24.13 21.90 -5.69
CA ALA D 55 -24.94 22.55 -6.71
C ALA D 55 -25.07 21.70 -8.00
N ARG D 56 -24.01 21.00 -8.40
CA ARG D 56 -23.96 20.20 -9.63
C ARG D 56 -23.04 19.01 -9.55
N GLY D 57 -23.04 18.23 -10.63
CA GLY D 57 -22.11 17.09 -10.80
C GLY D 57 -22.15 16.13 -9.67
N GLN D 58 -20.98 15.75 -9.18
CA GLN D 58 -20.85 14.70 -8.20
C GLN D 58 -21.59 15.04 -6.90
N GLY D 59 -21.48 16.30 -6.44
CA GLY D 59 -22.10 16.67 -5.17
C GLY D 59 -23.61 16.59 -5.25
N ARG D 60 -24.17 16.98 -6.39
CA ARG D 60 -25.59 16.87 -6.62
C ARG D 60 -25.99 15.42 -6.53
N THR D 61 -25.24 14.54 -7.20
CA THR D 61 -25.64 13.12 -7.21
CA THR D 61 -25.60 13.13 -7.24
C THR D 61 -25.56 12.52 -5.82
N HIS D 62 -24.61 12.96 -4.99
CA HIS D 62 -24.58 12.58 -3.54
C HIS D 62 -25.90 12.90 -2.81
N ALA D 63 -26.32 14.14 -2.95
CA ALA D 63 -27.54 14.71 -2.36
C ALA D 63 -28.80 13.92 -2.75
N VAL D 64 -28.94 13.63 -4.03
CA VAL D 64 -30.07 12.91 -4.53
C VAL D 64 -30.05 11.48 -4.03
N ARG D 65 -28.88 10.84 -4.06
CA ARG D 65 -28.78 9.40 -3.73
C ARG D 65 -29.04 9.16 -2.23
N LEU D 66 -28.48 10.03 -1.39
CA LEU D 66 -28.66 9.89 0.03
C LEU D 66 -30.11 10.21 0.37
N ALA D 67 -30.70 11.18 -0.33
CA ALA D 67 -32.11 11.51 -0.11
C ALA D 67 -33.02 10.33 -0.46
N GLN D 68 -32.69 9.67 -1.57
CA GLN D 68 -33.38 8.44 -2.03
C GLN D 68 -33.41 7.36 -0.94
N ASP D 69 -32.38 7.35 -0.09
CA ASP D 69 -32.32 6.41 1.02
C ASP D 69 -32.93 6.91 2.31
N GLY D 70 -33.47 8.13 2.34
CA GLY D 70 -34.17 8.69 3.49
C GLY D 70 -33.50 9.81 4.27
N ALA D 71 -32.28 10.18 3.88
CA ALA D 71 -31.54 11.21 4.58
C ALA D 71 -32.11 12.56 4.22
N ASP D 72 -32.30 13.42 5.22
CA ASP D 72 -32.42 14.84 4.96
C ASP D 72 -31.04 15.42 4.70
N ILE D 73 -31.01 16.58 4.06
CA ILE D 73 -29.81 17.08 3.43
C ILE D 73 -29.50 18.51 3.88
N VAL D 74 -28.23 18.73 4.24
CA VAL D 74 -27.65 20.07 4.34
C VAL D 74 -26.62 20.18 3.17
N ALA D 75 -26.92 21.01 2.17
CA ALA D 75 -26.12 21.18 0.95
C ALA D 75 -25.48 22.55 0.89
N ILE D 76 -24.16 22.60 0.65
CA ILE D 76 -23.50 23.87 0.33
C ILE D 76 -22.70 23.84 -1.00
N ASP D 77 -22.55 25.01 -1.59
CA ASP D 77 -21.76 25.20 -2.75
C ASP D 77 -21.35 26.69 -2.76
N LEU D 78 -20.21 26.97 -3.33
CA LEU D 78 -19.74 28.35 -3.50
C LEU D 78 -20.62 29.09 -4.50
N CYS D 79 -21.12 28.38 -5.50
CA CYS D 79 -22.04 28.96 -6.50
C CYS D 79 -21.36 30.11 -7.30
N ARG D 80 -20.05 29.98 -7.54
CA ARG D 80 -19.27 30.98 -8.28
C ARG D 80 -18.40 30.27 -9.34
N GLN D 81 -18.26 30.87 -10.51
CA GLN D 81 -17.43 30.30 -11.59
C GLN D 81 -16.02 30.85 -11.43
N GLN D 82 -15.10 30.04 -10.91
CA GLN D 82 -13.73 30.48 -10.67
C GLN D 82 -12.88 30.31 -11.95
N ASN D 84 -9.78 30.52 -12.55
CA ASN D 84 -8.55 29.71 -12.48
C ASN D 84 -8.76 28.23 -12.85
N LEU D 85 -10.02 27.87 -13.11
CA LEU D 85 -10.42 26.52 -13.47
C LEU D 85 -11.02 26.56 -14.87
N ASP D 86 -10.93 25.44 -15.61
CA ASP D 86 -11.41 25.44 -17.00
C ASP D 86 -12.55 24.46 -17.25
N TYR D 87 -13.57 24.57 -16.40
CA TYR D 87 -14.79 23.79 -16.53
C TYR D 87 -15.92 24.50 -15.80
N ALA D 88 -17.14 24.11 -16.14
CA ALA D 88 -18.34 24.66 -15.51
C ALA D 88 -18.42 24.21 -14.06
N GLN D 89 -18.71 25.17 -13.21
CA GLN D 89 -18.85 24.98 -11.78
C GLN D 89 -20.30 25.35 -11.38
N GLY D 90 -20.66 25.12 -10.12
CA GLY D 90 -22.00 25.35 -9.62
C GLY D 90 -22.44 26.82 -9.64
N SER D 91 -23.75 27.02 -9.78
CA SER D 91 -24.38 28.34 -9.79
C SER D 91 -25.52 28.30 -8.76
N PRO D 92 -26.04 29.47 -8.33
CA PRO D 92 -27.25 29.49 -7.48
C PRO D 92 -28.44 28.79 -8.12
N GLU D 93 -28.55 28.90 -9.43
CA GLU D 93 -29.68 28.33 -10.12
C GLU D 93 -29.52 26.80 -10.07
N GLU D 94 -28.29 26.33 -10.16
CA GLU D 94 -28.06 24.89 -10.14
C GLU D 94 -28.33 24.38 -8.70
N LEU D 95 -27.97 25.17 -7.66
CA LEU D 95 -28.29 24.77 -6.26
C LEU D 95 -29.81 24.66 -6.04
N LYS D 96 -30.59 25.60 -6.58
CA LYS D 96 -32.05 25.50 -6.50
C LYS D 96 -32.56 24.21 -7.10
N GLU D 97 -31.90 23.75 -8.14
CA GLU D 97 -32.36 22.55 -8.81
C GLU D 97 -31.99 21.35 -7.93
N THR D 98 -30.82 21.39 -7.30
CA THR D 98 -30.51 20.38 -6.29
C THR D 98 -31.62 20.30 -5.22
N VAL D 99 -32.10 21.45 -4.76
CA VAL D 99 -33.19 21.51 -3.75
C VAL D 99 -34.50 20.88 -4.28
N ARG D 100 -34.88 21.21 -5.50
CA ARG D 100 -36.05 20.60 -6.12
CA ARG D 100 -36.08 20.59 -6.09
C ARG D 100 -35.93 19.06 -6.17
N LEU D 101 -34.78 18.57 -6.61
CA LEU D 101 -34.53 17.14 -6.73
C LEU D 101 -34.58 16.40 -5.39
N VAL D 102 -34.08 17.01 -4.34
CA VAL D 102 -34.17 16.39 -3.00
C VAL D 102 -35.61 16.45 -2.43
N GLU D 103 -36.30 17.56 -2.62
CA GLU D 103 -37.65 17.69 -2.06
C GLU D 103 -38.62 16.77 -2.83
N GLU D 104 -38.33 16.54 -4.11
CA GLU D 104 -39.12 15.60 -4.94
C GLU D 104 -39.02 14.13 -4.41
N GLN D 105 -38.01 13.86 -3.58
CA GLN D 105 -37.85 12.56 -2.91
C GLN D 105 -38.53 12.57 -1.54
N GLY D 106 -39.23 13.64 -1.23
CA GLY D 106 -39.98 13.77 0.02
C GLY D 106 -39.13 14.10 1.24
N ARG D 107 -37.89 14.56 1.02
CA ARG D 107 -36.95 14.88 2.08
C ARG D 107 -36.97 16.37 2.31
N ARG D 108 -36.44 16.78 3.46
CA ARG D 108 -36.13 18.16 3.81
C ARG D 108 -34.66 18.53 3.42
N ILE D 109 -34.44 19.77 3.01
CA ILE D 109 -33.08 20.21 2.66
C ILE D 109 -32.88 21.69 3.11
N ILE D 110 -31.68 21.96 3.58
CA ILE D 110 -31.19 23.32 3.79
C ILE D 110 -30.02 23.48 2.82
N ALA D 111 -30.13 24.43 1.91
CA ALA D 111 -29.08 24.66 0.96
C ALA D 111 -28.62 26.10 1.11
N ARG D 112 -27.31 26.28 1.17
CA ARG D 112 -26.76 27.62 1.32
C ARG D 112 -25.47 27.78 0.49
N GLN D 113 -25.27 28.99 -0.03
CA GLN D 113 -23.98 29.47 -0.46
C GLN D 113 -23.07 29.44 0.76
N ALA D 114 -21.91 28.80 0.61
CA ALA D 114 -20.85 28.79 1.64
C ALA D 114 -19.51 28.47 0.97
N ASP D 115 -18.41 28.82 1.63
CA ASP D 115 -17.04 28.63 1.11
C ASP D 115 -16.30 27.70 2.07
N VAL D 116 -16.00 26.47 1.64
CA VAL D 116 -15.29 25.55 2.49
C VAL D 116 -13.92 26.07 2.87
N ARG D 117 -13.38 26.99 2.07
CA ARG D 117 -12.10 27.60 2.35
C ARG D 117 -12.11 28.47 3.60
N ASP D 118 -13.30 28.76 4.13
CA ASP D 118 -13.51 29.77 5.16
C ASP D 118 -14.27 29.12 6.29
N LEU D 119 -13.61 28.87 7.42
CA LEU D 119 -14.25 28.13 8.51
C LEU D 119 -15.51 28.79 9.05
N ALA D 120 -15.52 30.11 9.20
CA ALA D 120 -16.62 30.79 9.80
C ALA D 120 -17.87 30.61 8.91
N SER D 121 -17.66 30.61 7.59
CA SER D 121 -18.75 30.45 6.63
C SER D 121 -19.41 29.07 6.78
N LEU D 122 -18.60 28.00 6.93
CA LEU D 122 -19.16 26.69 7.22
C LEU D 122 -19.85 26.60 8.56
N GLN D 123 -19.27 27.18 9.62
CA GLN D 123 -19.85 27.14 10.97
C GLN D 123 -21.26 27.74 11.01
N ALA D 124 -21.43 28.85 10.30
CA ALA D 124 -22.72 29.50 10.12
C ALA D 124 -23.75 28.50 9.57
N VAL D 125 -23.41 27.76 8.51
CA VAL D 125 -24.33 26.76 7.95
C VAL D 125 -24.60 25.60 8.91
N VAL D 126 -23.56 25.07 9.55
CA VAL D 126 -23.73 23.99 10.53
C VAL D 126 -24.67 24.43 11.64
N ASP D 127 -24.51 25.65 12.16
CA ASP D 127 -25.37 26.17 13.23
C ASP D 127 -26.83 26.24 12.83
N GLU D 128 -27.10 26.69 11.61
CA GLU D 128 -28.45 26.69 11.07
C GLU D 128 -29.05 25.27 10.96
N ALA D 129 -28.29 24.36 10.40
CA ALA D 129 -28.69 22.97 10.29
C ALA D 129 -29.03 22.38 11.63
N LEU D 130 -28.16 22.59 12.62
CA LEU D 130 -28.38 22.01 13.95
C LEU D 130 -29.58 22.63 14.64
N ALA D 131 -29.77 23.93 14.47
CA ALA D 131 -30.99 24.58 14.89
C ALA D 131 -32.23 23.95 14.27
N GLU D 132 -32.18 23.67 12.97
CA GLU D 132 -33.40 23.18 12.33
C GLU D 132 -33.58 21.67 12.45
N PHE D 133 -32.51 20.93 12.28
CA PHE D 133 -32.54 19.49 12.10
C PHE D 133 -32.07 18.72 13.35
N GLY D 134 -31.40 19.40 14.27
CA GLY D 134 -30.96 18.78 15.55
C GLY D 134 -29.59 18.09 15.54
N HIS D 135 -29.16 17.55 14.42
CA HIS D 135 -27.99 16.67 14.35
C HIS D 135 -27.56 16.57 12.93
N ILE D 136 -26.27 16.37 12.72
CA ILE D 136 -25.65 16.01 11.43
C ILE D 136 -24.99 14.63 11.62
N ASP D 137 -25.43 13.65 10.84
CA ASP D 137 -24.98 12.27 11.04
C ASP D 137 -23.95 11.81 10.02
N ILE D 138 -23.97 12.42 8.85
CA ILE D 138 -23.11 12.02 7.74
C ILE D 138 -22.46 13.27 7.17
N LEU D 139 -21.14 13.23 6.96
CA LEU D 139 -20.39 14.34 6.34
C LEU D 139 -19.75 13.79 5.08
N VAL D 140 -20.09 14.38 3.94
CA VAL D 140 -19.50 14.01 2.66
C VAL D 140 -18.66 15.19 2.19
N SER D 141 -17.36 14.99 2.22
CA SER D 141 -16.42 16.02 1.86
C SER D 141 -16.11 15.70 0.43
N ASN D 142 -16.68 16.49 -0.45
N ASN D 142 -16.68 16.52 -0.44
CA ASN D 142 -16.69 16.19 -1.86
CA ASN D 142 -16.69 16.28 -1.87
C ASN D 142 -15.41 16.65 -2.62
C ASN D 142 -15.62 17.07 -2.66
N VAL D 143 -15.52 16.71 -3.93
CA VAL D 143 -14.35 16.72 -4.86
C VAL D 143 -13.28 17.82 -4.97
N GLY D 144 -13.62 19.07 -4.70
CA GLY D 144 -12.66 20.15 -4.82
C GLY D 144 -12.43 20.57 -6.25
N ILE D 145 -11.19 20.96 -6.56
CA ILE D 145 -10.83 21.65 -7.78
C ILE D 145 -9.51 21.12 -8.28
N SER D 146 -9.26 21.30 -9.57
CA SER D 146 -7.94 21.06 -10.15
C SER D 146 -7.65 21.91 -11.36
N ASN D 147 -6.36 21.94 -11.70
CA ASN D 147 -5.85 22.57 -12.92
C ASN D 147 -4.48 21.92 -13.19
N GLN D 148 -3.76 22.32 -14.23
CA GLN D 148 -2.63 21.51 -14.76
C GLN D 148 -1.31 22.21 -14.71
N GLY D 149 -0.26 21.42 -14.61
CA GLY D 149 1.09 21.92 -14.81
C GLY D 149 2.12 20.97 -14.23
N GLU D 150 3.29 20.93 -14.88
CA GLU D 150 4.42 20.19 -14.39
C GLU D 150 5.01 20.83 -13.13
N VAL D 151 5.73 20.01 -12.36
CA VAL D 151 6.44 20.52 -11.18
C VAL D 151 7.22 21.80 -11.46
N VAL D 152 8.01 21.83 -12.55
CA VAL D 152 8.83 23.00 -12.86
C VAL D 152 8.03 24.22 -13.33
N SER D 153 6.76 24.07 -13.72
CA SER D 153 5.94 25.15 -14.30
C SER D 153 4.73 25.60 -13.42
N LEU D 154 4.33 24.78 -12.46
CA LEU D 154 3.21 25.16 -11.53
C LEU D 154 3.52 26.49 -10.87
N THR D 155 2.48 27.25 -10.49
CA THR D 155 2.70 28.51 -9.78
C THR D 155 2.36 28.40 -8.29
N ASP D 156 2.84 29.33 -7.48
CA ASP D 156 2.42 29.41 -6.09
C ASP D 156 0.89 29.47 -5.94
N GLN D 157 0.28 30.25 -6.82
CA GLN D 157 -1.17 30.41 -6.79
C GLN D 157 -1.83 29.06 -6.96
N GLN D 158 -1.32 28.26 -7.89
CA GLN D 158 -1.90 26.92 -8.15
C GLN D 158 -1.84 26.01 -6.92
N TRP D 159 -0.67 25.99 -6.28
CA TRP D 159 -0.50 25.18 -5.08
C TRP D 159 -1.39 25.67 -3.96
N SER D 160 -1.39 26.99 -3.78
CA SER D 160 -2.17 27.63 -2.73
CA SER D 160 -2.15 27.61 -2.72
C SER D 160 -3.65 27.30 -2.87
N ASP D 161 -4.18 27.54 -4.08
CA ASP D 161 -5.60 27.32 -4.38
C ASP D 161 -6.02 25.86 -4.22
N ILE D 162 -5.27 24.97 -4.85
CA ILE D 162 -5.62 23.52 -4.77
C ILE D 162 -5.61 23.00 -3.29
N LEU D 163 -4.61 23.38 -2.50
CA LEU D 163 -4.55 22.94 -1.11
C LEU D 163 -5.63 23.56 -0.23
N GLN D 164 -5.91 24.85 -0.49
CA GLN D 164 -6.84 25.55 0.30
C GLN D 164 -8.22 24.93 0.12
N THR D 165 -8.60 24.58 -1.12
CA THR D 165 -9.92 24.04 -1.36
C THR D 165 -9.98 22.56 -1.04
N ASN D 166 -9.01 21.81 -1.56
CA ASN D 166 -9.07 20.36 -1.48
C ASN D 166 -8.66 19.76 -0.14
N LEU D 167 -7.71 20.37 0.56
CA LEU D 167 -7.19 19.79 1.81
C LEU D 167 -7.63 20.58 3.02
N ILE D 168 -7.32 21.88 3.06
CA ILE D 168 -7.82 22.71 4.13
C ILE D 168 -9.36 22.72 4.22
N GLY D 169 -10.00 22.75 3.04
CA GLY D 169 -11.44 22.77 2.93
C GLY D 169 -12.09 21.54 3.52
N ALA D 170 -11.46 20.42 3.33
CA ALA D 170 -11.91 19.15 3.83
C ALA D 170 -11.77 19.10 5.34
N TRP D 171 -10.62 19.57 5.83
CA TRP D 171 -10.44 19.68 7.24
C TRP D 171 -11.47 20.63 7.90
N HIS D 172 -11.75 21.77 7.29
CA HIS D 172 -12.74 22.76 7.77
C HIS D 172 -14.13 22.10 7.91
N ALA D 173 -14.50 21.27 6.96
CA ALA D 173 -15.84 20.61 7.04
C ALA D 173 -15.84 19.68 8.28
N CYS D 174 -14.76 18.91 8.44
CA CYS D 174 -14.55 18.07 9.64
C CYS D 174 -14.58 18.91 10.93
N ARG D 175 -13.79 19.99 10.97
CA ARG D 175 -13.75 20.87 12.14
C ARG D 175 -15.16 21.35 12.51
N ALA D 176 -15.96 21.68 11.50
CA ALA D 176 -17.25 22.36 11.65
C ALA D 176 -18.30 21.43 12.15
N VAL D 177 -18.25 20.20 11.66
CA VAL D 177 -19.23 19.18 11.86
C VAL D 177 -18.95 18.23 13.03
N LEU D 178 -17.70 17.86 13.27
CA LEU D 178 -17.43 16.80 14.27
C LEU D 178 -17.84 17.11 15.72
N PRO D 179 -17.68 18.36 16.21
CA PRO D 179 -18.04 18.61 17.62
C PRO D 179 -19.47 18.23 17.98
N SER D 180 -20.42 18.55 17.11
CA SER D 180 -21.82 18.18 17.33
C SER D 180 -22.05 16.69 17.15
N MET D 181 -21.42 16.09 16.14
CA MET D 181 -21.49 14.63 15.99
C MET D 181 -20.95 13.87 17.21
N ILE D 182 -19.80 14.27 17.72
CA ILE D 182 -19.26 13.71 18.97
C ILE D 182 -20.25 13.92 20.14
N GLU D 183 -20.68 15.15 20.37
CA GLU D 183 -21.55 15.47 21.55
C GLU D 183 -22.90 14.76 21.51
N ARG D 184 -23.44 14.58 20.30
CA ARG D 184 -24.74 13.98 20.10
C ARG D 184 -24.73 12.53 20.56
N GLY D 185 -23.61 11.86 20.35
CA GLY D 185 -23.29 10.59 21.01
C GLY D 185 -23.86 9.35 20.37
N GLN D 186 -24.28 9.48 19.11
CA GLN D 186 -24.90 8.39 18.38
C GLN D 186 -24.06 7.94 17.19
N GLY D 187 -22.77 8.25 17.21
CA GLY D 187 -21.90 7.93 16.07
C GLY D 187 -22.23 8.72 14.81
N GLY D 188 -21.65 8.29 13.70
CA GLY D 188 -21.94 8.89 12.41
C GLY D 188 -20.91 8.44 11.38
N SER D 189 -20.89 9.11 10.24
CA SER D 189 -20.00 8.80 9.11
C SER D 189 -19.34 10.02 8.49
N VAL D 190 -18.03 9.90 8.19
CA VAL D 190 -17.28 10.90 7.46
C VAL D 190 -16.71 10.19 6.23
N ILE D 191 -17.17 10.61 5.07
CA ILE D 191 -16.75 10.05 3.80
C ILE D 191 -15.99 11.11 3.05
N PHE D 192 -14.70 10.91 2.86
CA PHE D 192 -13.95 11.85 2.00
C PHE D 192 -14.01 11.38 0.60
N VAL D 193 -14.55 12.21 -0.29
CA VAL D 193 -14.47 11.91 -1.71
C VAL D 193 -13.10 12.34 -2.30
N SER D 194 -12.26 11.36 -2.57
CA SER D 194 -10.88 11.63 -2.99
C SER D 194 -10.73 11.21 -4.42
N SER D 195 -9.65 10.52 -4.75
CA SER D 195 -9.37 10.18 -6.14
C SER D 195 -8.28 9.13 -6.15
N THR D 196 -8.18 8.43 -7.27
CA THR D 196 -7.09 7.52 -7.51
C THR D 196 -5.75 8.26 -7.37
N VAL D 197 -5.71 9.57 -7.62
CA VAL D 197 -4.48 10.31 -7.48
C VAL D 197 -4.19 10.67 -6.03
N GLY D 198 -5.01 10.21 -5.07
CA GLY D 198 -4.61 10.23 -3.71
C GLY D 198 -3.87 8.96 -3.35
N LEU D 199 -3.81 7.99 -4.28
CA LEU D 199 -3.13 6.71 -4.06
C LEU D 199 -2.03 6.40 -5.08
N ARG D 200 -1.79 7.29 -6.04
CA ARG D 200 -0.75 7.13 -7.07
C ARG D 200 -0.32 8.51 -7.52
N GLY D 201 0.76 8.60 -8.31
CA GLY D 201 1.20 9.92 -8.73
C GLY D 201 0.39 10.33 -9.92
N ALA D 202 0.47 11.62 -10.26
CA ALA D 202 -0.22 12.17 -11.45
C ALA D 202 0.67 13.21 -12.16
N PRO D 203 1.43 12.80 -13.20
CA PRO D 203 2.27 13.82 -13.84
C PRO D 203 1.45 14.92 -14.48
N GLY D 204 1.90 16.15 -14.36
CA GLY D 204 1.13 17.28 -14.79
C GLY D 204 0.03 17.72 -13.83
N GLN D 205 -0.04 17.07 -12.67
CA GLN D 205 -1.08 17.31 -11.63
C GLN D 205 -0.54 17.07 -10.21
N SER D 206 0.72 17.41 -10.00
CA SER D 206 1.39 17.07 -8.72
C SER D 206 0.76 17.75 -7.53
N HIS D 207 0.34 19.01 -7.70
CA HIS D 207 -0.40 19.70 -6.65
C HIS D 207 -1.76 19.04 -6.32
N TYR D 208 -2.47 18.65 -7.35
CA TYR D 208 -3.72 17.95 -7.14
C TYR D 208 -3.50 16.59 -6.42
N ALA D 209 -2.53 15.81 -6.90
CA ALA D 209 -2.18 14.50 -6.30
C ALA D 209 -1.71 14.74 -4.86
N ALA D 210 -0.93 15.82 -4.64
CA ALA D 210 -0.47 16.10 -3.26
C ALA D 210 -1.67 16.37 -2.36
N SER D 211 -2.65 17.08 -2.90
CA SER D 211 -3.78 17.49 -2.14
C SER D 211 -4.63 16.26 -1.75
N LYS D 212 -4.82 15.33 -2.66
CA LYS D 212 -5.63 14.12 -2.43
C LYS D 212 -4.89 13.08 -1.59
N HIS D 213 -3.58 12.92 -1.78
CA HIS D 213 -2.77 12.21 -0.80
C HIS D 213 -2.95 12.82 0.57
N GLY D 214 -2.99 14.14 0.65
CA GLY D 214 -3.12 14.76 1.94
C GLY D 214 -4.45 14.46 2.62
N VAL D 215 -5.50 14.39 1.82
CA VAL D 215 -6.81 13.94 2.29
C VAL D 215 -6.75 12.51 2.81
N GLN D 216 -5.99 11.62 2.15
CA GLN D 216 -5.87 10.27 2.71
C GLN D 216 -5.18 10.31 4.11
N GLY D 217 -4.16 11.15 4.25
CA GLY D 217 -3.46 11.30 5.52
C GLY D 217 -4.40 11.83 6.61
N LEU D 218 -5.17 12.85 6.26
CA LEU D 218 -6.20 13.40 7.14
C LEU D 218 -7.22 12.32 7.53
N MET D 219 -7.68 11.57 6.53
CA MET D 219 -8.63 10.47 6.74
C MET D 219 -8.11 9.45 7.78
N LEU D 220 -6.92 8.94 7.55
CA LEU D 220 -6.34 7.92 8.43
C LEU D 220 -6.09 8.47 9.86
N SER D 221 -5.74 9.73 9.97
CA SER D 221 -5.49 10.32 11.30
C SER D 221 -6.80 10.48 12.07
N LEU D 222 -7.78 11.02 11.37
CA LEU D 222 -9.13 11.24 11.96
C LEU D 222 -9.71 9.91 12.40
N ALA D 223 -9.49 8.88 11.61
CA ALA D 223 -10.00 7.54 11.91
C ALA D 223 -9.45 7.07 13.28
N ASN D 224 -8.23 7.43 13.59
CA ASN D 224 -7.62 7.13 14.90
C ASN D 224 -8.15 8.03 16.04
N GLU D 225 -8.62 9.24 15.72
CA GLU D 225 -9.10 10.13 16.74
C GLU D 225 -10.51 9.89 17.12
N VAL D 226 -11.42 9.53 16.17
CA VAL D 226 -12.89 9.51 16.46
C VAL D 226 -13.57 8.13 16.32
N GLY D 227 -12.80 7.14 15.91
CA GLY D 227 -13.26 5.74 15.92
C GLY D 227 -13.91 5.41 17.25
N ARG D 228 -13.26 5.82 18.34
CA ARG D 228 -13.80 5.58 19.68
C ARG D 228 -15.22 6.11 19.94
N HIS D 229 -15.66 7.12 19.22
CA HIS D 229 -17.01 7.66 19.32
C HIS D 229 -17.97 6.96 18.37
N ASN D 230 -17.52 5.85 17.77
CA ASN D 230 -18.26 5.17 16.72
C ASN D 230 -18.56 6.08 15.54
N ILE D 231 -17.66 7.01 15.27
CA ILE D 231 -17.77 7.79 14.07
C ILE D 231 -16.81 7.11 13.09
N ARG D 232 -17.36 6.58 11.99
CA ARG D 232 -16.61 5.86 10.99
C ARG D 232 -16.13 6.82 9.93
N VAL D 233 -14.90 6.58 9.46
CA VAL D 233 -14.16 7.50 8.64
C VAL D 233 -13.49 6.71 7.54
N ASN D 234 -13.80 7.06 6.28
CA ASN D 234 -13.33 6.36 5.10
C ASN D 234 -13.17 7.32 3.90
N SER D 235 -12.48 6.88 2.84
CA SER D 235 -12.49 7.58 1.57
C SER D 235 -13.11 6.71 0.50
N VAL D 236 -13.68 7.34 -0.54
CA VAL D 236 -14.00 6.70 -1.82
C VAL D 236 -13.08 7.37 -2.85
N ASN D 237 -12.56 6.58 -3.76
CA ASN D 237 -11.46 7.04 -4.61
C ASN D 237 -11.77 6.75 -6.07
N PRO D 238 -12.59 7.60 -6.72
CA PRO D 238 -12.93 7.44 -8.16
C PRO D 238 -11.73 7.67 -9.07
N GLY D 239 -11.70 6.95 -10.16
CA GLY D 239 -10.76 7.24 -11.25
C GLY D 239 -11.43 8.26 -12.18
N ALA D 240 -11.35 8.02 -13.49
CA ALA D 240 -12.07 8.87 -14.46
C ALA D 240 -13.57 8.70 -14.20
N VAL D 241 -14.24 9.84 -14.07
CA VAL D 241 -15.68 9.90 -13.82
C VAL D 241 -16.32 10.74 -14.94
N ASN D 242 -17.59 10.43 -15.28
CA ASN D 242 -18.39 11.24 -16.24
C ASN D 242 -18.84 12.57 -15.60
N THR D 243 -17.92 13.53 -15.47
CA THR D 243 -18.28 14.88 -15.06
C THR D 243 -17.51 15.92 -15.89
N GLU D 244 -18.05 17.13 -15.90
CA GLU D 244 -17.42 18.25 -16.59
C GLU D 244 -16.03 18.49 -16.01
N MET D 245 -15.87 18.31 -14.69
CA MET D 245 -14.57 18.50 -14.03
C MET D 245 -13.47 17.52 -14.47
N ALA D 246 -13.83 16.24 -14.64
CA ALA D 246 -12.89 15.21 -15.07
C ALA D 246 -12.64 15.11 -16.59
N LEU D 247 -13.54 15.64 -17.42
CA LEU D 247 -13.44 15.44 -18.86
C LEU D 247 -13.31 16.78 -19.63
N ASN D 248 -12.94 17.85 -18.93
CA ASN D 248 -12.88 19.18 -19.55
C ASN D 248 -11.74 19.22 -20.54
N GLU D 249 -11.92 20.04 -21.56
CA GLU D 249 -11.03 20.08 -22.72
C GLU D 249 -9.56 20.41 -22.41
N LYS D 250 -9.33 21.33 -21.50
CA LYS D 250 -7.94 21.74 -21.13
C LYS D 250 -7.20 20.56 -20.50
N LEU D 251 -7.87 19.86 -19.59
CA LEU D 251 -7.32 18.64 -19.02
C LEU D 251 -7.05 17.62 -20.11
N LEU D 252 -8.02 17.44 -21.01
CA LEU D 252 -7.86 16.48 -22.10
C LEU D 252 -6.65 16.86 -22.97
N LYS D 253 -6.41 18.15 -23.17
CA LYS D 253 -5.30 18.59 -24.03
C LYS D 253 -3.94 18.31 -23.40
N MET D 254 -3.91 18.28 -22.06
CA MET D 254 -2.70 17.89 -21.36
C MET D 254 -2.34 16.46 -21.77
N PHE D 255 -3.30 15.55 -21.70
CA PHE D 255 -3.05 14.14 -22.05
C PHE D 255 -2.95 13.91 -23.56
N LEU D 256 -3.52 14.81 -24.36
CA LEU D 256 -3.64 14.63 -25.80
C LEU D 256 -3.21 15.91 -26.56
N PRO D 257 -1.95 16.36 -26.37
CA PRO D 257 -1.49 17.70 -26.81
C PRO D 257 -1.43 17.93 -28.29
N HIS D 258 -1.24 16.85 -29.03
CA HIS D 258 -1.37 16.85 -30.48
C HIS D 258 -2.76 17.19 -31.07
N LEU D 259 -3.85 16.94 -30.31
CA LEU D 259 -5.19 17.17 -30.84
C LEU D 259 -5.58 18.63 -30.70
N GLU D 260 -6.26 19.20 -31.70
CA GLU D 260 -6.62 20.61 -31.67
C GLU D 260 -7.79 20.89 -30.75
N ASN D 261 -8.81 20.04 -30.80
CA ASN D 261 -9.97 20.16 -29.90
C ASN D 261 -10.42 18.78 -29.52
N PRO D 262 -9.77 18.17 -28.51
CA PRO D 262 -10.11 16.80 -28.15
C PRO D 262 -11.58 16.71 -27.77
N THR D 263 -12.25 15.70 -28.31
CA THR D 263 -13.66 15.50 -28.04
C THR D 263 -13.87 14.49 -26.91
N ARG D 264 -15.14 14.33 -26.52
CA ARG D 264 -15.57 13.33 -25.56
C ARG D 264 -15.21 11.95 -26.09
N GLU D 265 -15.30 11.78 -27.40
CA GLU D 265 -14.95 10.47 -27.98
C GLU D 265 -13.41 10.21 -27.88
N ASP D 266 -12.61 11.26 -28.09
CA ASP D 266 -11.18 11.12 -27.82
C ASP D 266 -10.95 10.79 -26.33
N ALA D 267 -11.76 11.37 -25.45
CA ALA D 267 -11.66 11.11 -24.02
C ALA D 267 -11.94 9.62 -23.73
N ALA D 268 -13.04 9.11 -24.27
CA ALA D 268 -13.37 7.68 -24.18
C ALA D 268 -12.23 6.77 -24.62
N GLU D 269 -11.62 7.08 -25.76
CA GLU D 269 -10.53 6.26 -26.28
C GLU D 269 -9.30 6.30 -25.37
N LEU D 270 -9.04 7.45 -24.76
CA LEU D 270 -7.89 7.58 -23.87
C LEU D 270 -8.13 6.82 -22.58
N PHE D 271 -9.21 7.18 -21.87
CA PHE D 271 -9.44 6.66 -20.52
C PHE D 271 -9.83 5.20 -20.52
N SER D 272 -10.46 4.73 -21.58
CA SER D 272 -10.72 3.29 -21.73
C SER D 272 -9.49 2.43 -21.56
N GLN D 273 -8.31 2.96 -21.88
CA GLN D 273 -7.07 2.20 -21.79
C GLN D 273 -6.72 2.04 -20.30
N LEU D 274 -7.25 2.90 -19.44
CA LEU D 274 -6.90 2.85 -18.04
C LEU D 274 -7.75 1.83 -17.25
N THR D 275 -9.00 1.64 -17.63
CA THR D 275 -9.89 0.79 -16.89
C THR D 275 -9.69 -0.66 -17.34
N LEU D 276 -9.91 -1.61 -16.42
CA LEU D 276 -9.89 -3.04 -16.75
C LEU D 276 -11.28 -3.48 -17.24
N LEU D 277 -12.34 -2.98 -16.59
CA LEU D 277 -13.71 -3.17 -17.08
C LEU D 277 -13.87 -2.43 -18.42
N PRO D 278 -14.80 -2.89 -19.27
CA PRO D 278 -14.90 -2.29 -20.59
C PRO D 278 -15.74 -1.02 -20.56
N ILE D 279 -15.24 0.00 -19.89
CA ILE D 279 -15.92 1.27 -19.67
C ILE D 279 -14.93 2.38 -19.85
N PRO D 280 -15.39 3.57 -20.24
CA PRO D 280 -14.43 4.68 -20.40
C PRO D 280 -14.16 5.42 -19.11
N TRP D 281 -15.14 5.30 -18.19
CA TRP D 281 -15.09 5.96 -16.93
C TRP D 281 -16.31 5.50 -16.14
N VAL D 282 -16.27 5.70 -14.86
CA VAL D 282 -17.46 5.46 -14.01
C VAL D 282 -18.38 6.69 -14.09
N GLU D 283 -19.61 6.56 -13.59
CA GLU D 283 -20.57 7.66 -13.46
C GLU D 283 -20.52 8.28 -12.08
N PRO D 284 -21.01 9.53 -11.93
CA PRO D 284 -21.13 10.08 -10.60
C PRO D 284 -22.02 9.23 -9.69
N GLU D 285 -23.03 8.60 -10.27
CA GLU D 285 -23.94 7.73 -9.52
C GLU D 285 -23.18 6.56 -8.89
N ASP D 286 -22.18 6.06 -9.58
CA ASP D 286 -21.39 4.96 -9.00
C ASP D 286 -20.61 5.39 -7.76
N VAL D 287 -20.12 6.63 -7.77
CA VAL D 287 -19.43 7.16 -6.60
C VAL D 287 -20.42 7.36 -5.46
N SER D 288 -21.56 7.96 -5.77
CA SER D 288 -22.60 8.22 -4.78
C SER D 288 -23.18 6.97 -4.15
N ASN D 289 -23.31 5.89 -4.93
CA ASN D 289 -23.71 4.60 -4.35
C ASN D 289 -22.75 4.08 -3.24
N ALA D 290 -21.45 4.19 -3.48
CA ALA D 290 -20.42 3.79 -2.53
C ALA D 290 -20.50 4.63 -1.26
N VAL D 291 -20.67 5.93 -1.42
CA VAL D 291 -20.95 6.84 -0.32
C VAL D 291 -22.19 6.42 0.49
N ALA D 292 -23.29 6.13 -0.19
CA ALA D 292 -24.55 5.78 0.49
C ALA D 292 -24.43 4.42 1.19
N TRP D 293 -23.68 3.50 0.59
CA TRP D 293 -23.43 2.21 1.27
C TRP D 293 -22.61 2.44 2.56
N LEU D 294 -21.56 3.26 2.48
CA LEU D 294 -20.68 3.46 3.65
C LEU D 294 -21.48 4.06 4.81
N ALA D 295 -22.43 4.92 4.46
CA ALA D 295 -23.25 5.56 5.47
C ALA D 295 -24.29 4.60 6.12
N SER D 296 -24.51 3.41 5.56
CA SER D 296 -25.60 2.52 6.02
C SER D 296 -25.12 1.53 7.06
N ASP D 297 -26.07 0.88 7.73
CA ASP D 297 -25.75 -0.14 8.76
C ASP D 297 -25.11 -1.40 8.17
N GLU D 298 -25.28 -1.59 6.87
CA GLU D 298 -24.62 -2.68 6.16
C GLU D 298 -23.10 -2.53 6.21
N ALA D 299 -22.63 -1.29 6.38
CA ALA D 299 -21.19 -0.94 6.37
C ALA D 299 -20.73 -0.41 7.74
N ARG D 300 -21.44 -0.79 8.80
CA ARG D 300 -21.30 -0.18 10.10
C ARG D 300 -19.86 -0.28 10.72
N TYR D 301 -19.14 -1.35 10.41
CA TYR D 301 -17.79 -1.54 10.96
C TYR D 301 -16.65 -1.33 9.92
N ILE D 302 -16.98 -0.79 8.76
CA ILE D 302 -15.94 -0.37 7.78
C ILE D 302 -15.34 0.96 8.27
N HIS D 303 -14.01 0.99 8.52
CA HIS D 303 -13.34 2.16 9.12
C HIS D 303 -11.88 2.24 8.66
N GLY D 304 -11.46 3.36 8.12
CA GLY D 304 -10.07 3.51 7.68
C GLY D 304 -9.74 3.01 6.27
N ALA D 305 -10.81 2.71 5.52
CA ALA D 305 -10.77 2.18 4.20
C ALA D 305 -10.77 3.26 3.12
N ALA D 306 -10.03 2.97 2.07
CA ALA D 306 -10.00 3.77 0.81
C ALA D 306 -10.54 2.92 -0.34
N ILE D 307 -11.78 3.15 -0.75
CA ILE D 307 -12.46 2.25 -1.70
C ILE D 307 -12.37 2.86 -3.12
N PRO D 308 -11.59 2.22 -4.04
CA PRO D 308 -11.51 2.72 -5.40
C PRO D 308 -12.82 2.38 -6.12
N VAL D 309 -13.31 3.37 -6.86
CA VAL D 309 -14.48 3.26 -7.71
C VAL D 309 -13.90 3.69 -9.05
N ASP D 310 -13.23 2.76 -9.72
CA ASP D 310 -12.34 3.10 -10.87
C ASP D 310 -12.30 2.05 -11.99
N GLY D 311 -13.23 1.09 -11.98
CA GLY D 311 -13.25 -0.01 -12.96
C GLY D 311 -11.90 -0.71 -13.12
N GLY D 312 -11.07 -0.72 -12.06
CA GLY D 312 -9.78 -1.42 -12.14
C GLY D 312 -8.53 -0.61 -12.42
N GLN D 313 -8.63 0.71 -12.60
CA GLN D 313 -7.46 1.53 -12.92
C GLN D 313 -6.29 1.28 -11.98
N LEU D 314 -6.54 1.30 -10.67
CA LEU D 314 -5.44 1.12 -9.68
C LEU D 314 -4.84 -0.30 -9.68
N ALA D 315 -5.60 -1.29 -10.12
CA ALA D 315 -5.11 -2.66 -10.16
C ALA D 315 -4.40 -3.03 -11.48
N ARG D 316 -4.45 -2.14 -12.48
CA ARG D 316 -3.98 -2.44 -13.82
CA ARG D 316 -3.98 -2.49 -13.82
C ARG D 316 -2.48 -2.75 -13.74
N ALA D 317 -2.08 -3.91 -14.25
CA ALA D 317 -0.69 -4.38 -14.20
C ALA D 317 0.24 -3.53 -15.04
NA NA E . -11.72 -0.99 19.84
NA NA F . 11.45 3.65 -19.91
NA NA G . 11.57 -2.30 19.89
NA NA H . -11.33 -0.48 -20.29
#